data_3DX9
#
_entry.id   3DX9
#
_cell.length_a   41.740
_cell.length_b   70.727
_cell.length_c   154.412
_cell.angle_alpha   90.000
_cell.angle_beta   94.690
_cell.angle_gamma   90.000
#
_symmetry.space_group_name_H-M   'P 1 21 1'
#
loop_
_entity.id
_entity.type
_entity.pdbx_description
1 polymer 'DM1 T cell receptor alpha chain'
2 polymer 'DM1 T cell receptor beta chain'
3 water water
#
loop_
_entity_poly.entity_id
_entity_poly.type
_entity_poly.pdbx_seq_one_letter_code
_entity_poly.pdbx_strand_id
1 'polypeptide(L)'
;AKTTQPTSMDCAEGRAANLPCNHSTISGNEYVYWYRQIHSQGPQYIIHGLKNNETNEMASLIITEDRKSSTLILPHATLR
DTAVYYCIVWGGYQKVTFGTGTKLQVIPIQNPDPAVYQLRDSKSSDKSVCLFTDFDSQTNVSQSKDSDVYITDKCVLDMR
SMDFKSNSAVAWSNKSDFACANAFNNSIIPEDTFFPSP
;
A,C
2 'polypeptide(L)'
;TGVSQNPRHKITKRGQNVTFRCDPISEHNRLYWYRQTLGQGPEFLTYFQNEAQLEKSRLLSDRFSAERPKGSFSTLEIQR
TEQGDSAMYLCASRYRDDSYNEQFFGPGTRLTVLEDLKNVFPPEVAVFEPSEAEISHTQKATLVCLATGFYPDHVELSWW
VNGKEVHSGVCTDPQPLKEQPALNDSRYALSSRLRVSATFWQNPRNHFRCQVQFYGLSENDEWTQDRAKPVTQIVSAEAW
GRAD
;
B,D
#
# COMPACT_ATOMS: atom_id res chain seq x y z
N ALA A 1 19.25 36.15 8.05
CA ALA A 1 20.54 36.23 8.83
C ALA A 1 20.25 36.51 10.30
N LYS A 2 19.51 37.59 10.51
CA LYS A 2 19.19 38.13 11.82
C LYS A 2 17.83 37.62 12.29
N THR A 3 17.17 36.80 11.46
CA THR A 3 15.81 36.29 11.75
C THR A 3 15.75 34.78 11.95
N THR A 4 14.85 34.34 12.82
CA THR A 4 14.60 32.91 12.97
C THR A 4 13.12 32.63 12.86
N GLN A 5 12.79 31.54 12.16
CA GLN A 5 11.41 31.12 11.92
C GLN A 5 11.20 29.60 12.01
N PRO A 6 9.99 29.16 12.38
CA PRO A 6 9.72 27.73 12.28
C PRO A 6 9.81 27.28 10.82
N THR A 7 10.35 26.10 10.59
CA THR A 7 10.56 25.64 9.23
C THR A 7 9.23 25.41 8.54
N SER A 8 8.28 24.84 9.28
CA SER A 8 6.89 24.70 8.81
C SER A 8 5.86 24.78 9.96
N MET A 9 4.60 24.99 9.58
CA MET A 9 3.54 25.28 10.53
C MET A 9 2.19 24.98 9.92
N ASP A 10 1.36 24.21 10.62
CA ASP A 10 -0.04 24.06 10.23
C ASP A 10 -0.92 25.18 10.84
N CYS A 11 -2.00 25.49 10.16
CA CYS A 11 -2.96 26.46 10.63
C CYS A 11 -4.35 26.13 10.06
N ALA A 12 -5.38 26.45 10.85
CA ALA A 12 -6.75 26.11 10.49
C ALA A 12 -7.33 27.04 9.41
N GLU A 13 -7.83 26.44 8.34
CA GLU A 13 -8.76 27.14 7.47
C GLU A 13 -10.06 27.29 8.26
N GLY A 14 -10.71 28.47 8.27
CA GLY A 14 -10.17 29.75 7.86
C GLY A 14 -10.40 30.75 8.99
N ARG A 15 -9.56 30.64 10.03
CA ARG A 15 -9.36 31.72 10.98
C ARG A 15 -8.07 32.41 10.58
N ALA A 16 -7.68 33.45 11.31
CA ALA A 16 -6.40 34.14 11.09
C ALA A 16 -5.23 33.20 11.36
N ALA A 17 -4.24 33.19 10.46
CA ALA A 17 -3.00 32.42 10.68
C ALA A 17 -1.92 33.40 11.08
N ASN A 18 -1.22 33.08 12.17
CA ASN A 18 -0.20 33.97 12.75
C ASN A 18 1.17 33.37 12.60
N LEU A 19 1.99 33.93 11.72
CA LEU A 19 3.33 33.41 11.46
C LEU A 19 4.33 34.18 12.31
N PRO A 20 5.06 33.51 13.21
CA PRO A 20 6.00 34.17 14.09
C PRO A 20 7.45 34.24 13.57
N CYS A 21 8.12 35.31 13.96
CA CYS A 21 9.50 35.56 13.60
C CYS A 21 10.25 36.10 14.79
N ASN A 22 11.41 35.52 15.10
CA ASN A 22 12.34 36.06 16.11
C ASN A 22 13.51 36.84 15.48
N HIS A 23 13.80 38.03 16.02
CA HIS A 23 14.92 38.88 15.60
C HIS A 23 15.43 39.70 16.77
N SER A 24 16.15 39.06 17.68
CA SER A 24 16.48 39.68 18.96
C SER A 24 17.63 40.70 18.91
N THR A 25 18.43 40.71 17.84
CA THR A 25 19.49 41.70 17.70
C THR A 25 19.16 42.78 16.66
N ILE A 26 17.87 43.07 16.47
CA ILE A 26 17.47 44.09 15.48
C ILE A 26 17.70 45.53 15.98
N SER A 27 18.26 46.36 15.09
CA SER A 27 18.33 47.83 15.29
C SER A 27 16.89 48.40 15.22
N GLY A 28 16.61 49.61 15.69
CA GLY A 28 17.42 50.77 15.52
C GLY A 28 16.72 51.32 14.29
N ASN A 29 17.36 51.13 13.14
CA ASN A 29 16.84 51.64 11.86
C ASN A 29 16.36 50.52 10.91
N GLU A 30 16.34 49.28 11.40
CA GLU A 30 16.02 48.14 10.55
C GLU A 30 14.53 47.86 10.58
N TYR A 31 13.94 47.79 9.40
CA TYR A 31 12.53 47.43 9.29
C TYR A 31 12.45 45.91 9.19
N VAL A 32 11.26 45.37 9.46
CA VAL A 32 10.97 43.95 9.29
C VAL A 32 10.11 43.82 8.07
N TYR A 33 10.39 42.82 7.25
CA TYR A 33 9.66 42.58 6.00
C TYR A 33 9.22 41.13 5.91
N TRP A 34 8.04 40.90 5.35
CA TRP A 34 7.56 39.55 5.06
C TRP A 34 7.28 39.37 3.59
N TYR A 35 7.85 38.32 3.02
CA TYR A 35 7.59 37.92 1.66
C TYR A 35 6.99 36.53 1.69
N ARG A 36 6.35 36.17 0.58
CA ARG A 36 5.74 34.87 0.41
C ARG A 36 6.14 34.33 -0.94
N GLN A 37 6.42 33.03 -1.01
CA GLN A 37 6.82 32.37 -2.24
C GLN A 37 5.99 31.12 -2.47
N ILE A 38 5.35 31.07 -3.64
CA ILE A 38 4.49 29.97 -4.02
C ILE A 38 5.20 29.23 -5.14
N HIS A 39 5.13 27.89 -5.13
CA HIS A 39 5.88 27.06 -6.08
C HIS A 39 7.32 27.58 -6.16
N SER A 40 8.00 27.35 -7.28
CA SER A 40 9.34 27.92 -7.51
C SER A 40 9.35 29.45 -7.81
N GLN A 41 8.17 30.09 -7.79
CA GLN A 41 8.01 31.41 -8.42
C GLN A 41 8.67 32.53 -7.65
N GLY A 42 8.68 33.72 -8.23
CA GLY A 42 9.30 34.86 -7.58
C GLY A 42 8.59 35.09 -6.25
N PRO A 43 9.35 35.36 -5.17
CA PRO A 43 8.70 35.72 -3.94
C PRO A 43 7.99 37.07 -4.06
N GLN A 44 6.72 37.13 -3.67
CA GLN A 44 5.98 38.38 -3.66
C GLN A 44 5.96 39.01 -2.26
N TYR A 45 6.18 40.32 -2.22
CA TYR A 45 6.08 41.11 -1.01
C TYR A 45 4.68 41.04 -0.39
N ILE A 46 4.64 40.99 0.94
CA ILE A 46 3.38 41.03 1.68
C ILE A 46 3.24 42.34 2.46
N ILE A 47 4.18 42.62 3.35
CA ILE A 47 4.07 43.76 4.25
C ILE A 47 5.39 44.01 4.98
N HIS A 48 5.60 45.24 5.46
CA HIS A 48 6.70 45.57 6.39
C HIS A 48 6.15 46.57 7.41
N GLY A 49 6.83 46.86 8.53
CA GLY A 49 7.77 47.95 8.64
C GLY A 49 8.56 48.03 9.95
N LEU A 50 8.50 49.18 10.64
CA LEU A 50 9.55 49.57 11.62
C LEU A 50 9.38 49.00 13.01
N LYS A 51 8.52 49.58 13.85
CA LYS A 51 8.36 49.09 15.23
C LYS A 51 7.14 49.74 15.84
N ASN A 52 6.06 48.96 16.00
CA ASN A 52 4.74 49.39 15.53
C ASN A 52 3.78 48.23 15.21
N ASN A 53 2.67 48.57 14.56
CA ASN A 53 1.87 47.61 13.79
C ASN A 53 1.46 48.25 12.45
N GLU A 54 1.14 47.43 11.46
CA GLU A 54 0.78 47.92 10.12
C GLU A 54 -0.24 46.98 9.47
N THR A 55 -0.89 47.46 8.41
CA THR A 55 -1.96 46.70 7.74
C THR A 55 -2.07 47.09 6.26
N ASN A 56 -2.53 46.15 5.44
CA ASN A 56 -2.90 46.41 4.04
C ASN A 56 -3.91 45.35 3.63
N GLU A 57 -4.38 45.41 2.39
CA GLU A 57 -5.38 44.45 1.88
C GLU A 57 -4.94 43.00 2.05
N MET A 58 -3.65 42.76 2.04
CA MET A 58 -3.13 41.41 2.01
C MET A 58 -2.90 40.80 3.40
N ALA A 59 -2.74 41.64 4.44
CA ALA A 59 -2.28 41.14 5.75
C ALA A 59 -2.11 42.24 6.80
N SER A 60 -1.74 41.81 8.01
CA SER A 60 -1.40 42.71 9.11
C SER A 60 -0.06 42.30 9.72
N LEU A 61 0.64 43.26 10.33
CA LEU A 61 1.98 43.00 10.92
C LEU A 61 2.10 43.67 12.28
N ILE A 62 2.31 42.88 13.33
CA ILE A 62 2.53 43.41 14.67
C ILE A 62 3.98 43.13 15.09
N ILE A 63 4.65 44.17 15.57
CA ILE A 63 6.03 44.08 16.03
C ILE A 63 6.04 44.50 17.48
N THR A 64 6.72 43.72 18.33
CA THR A 64 6.68 43.97 19.77
C THR A 64 7.36 45.28 20.16
N GLU A 65 7.19 45.66 21.42
CA GLU A 65 7.86 46.84 21.96
C GLU A 65 9.35 46.54 22.14
N ASP A 66 9.65 45.33 22.62
CA ASP A 66 10.99 44.73 22.54
C ASP A 66 11.72 45.06 21.24
N ARG A 67 10.98 45.00 20.12
CA ARG A 67 11.53 44.91 18.75
C ARG A 67 12.00 43.49 18.47
N LYS A 68 12.02 42.62 19.46
CA LYS A 68 12.76 41.36 19.38
C LYS A 68 12.00 40.21 18.73
N SER A 69 10.73 40.46 18.40
CA SER A 69 9.89 39.47 17.72
C SER A 69 8.81 40.19 16.97
N SER A 70 8.22 39.49 16.00
CA SER A 70 7.14 40.06 15.21
C SER A 70 6.15 38.96 14.83
N THR A 71 4.96 39.36 14.39
CA THR A 71 3.94 38.41 13.96
C THR A 71 3.26 38.91 12.68
N LEU A 72 3.20 38.02 11.68
CA LEU A 72 2.45 38.28 10.46
C LEU A 72 1.06 37.66 10.63
N ILE A 73 0.01 38.44 10.35
CA ILE A 73 -1.36 37.96 10.45
C ILE A 73 -2.02 37.90 9.07
N LEU A 74 -2.37 36.69 8.62
CA LEU A 74 -3.20 36.51 7.42
C LEU A 74 -4.65 36.23 7.88
N PRO A 75 -5.55 37.23 7.75
CA PRO A 75 -6.79 37.29 8.49
C PRO A 75 -7.81 36.16 8.28
N HIS A 76 -7.88 35.61 7.08
CA HIS A 76 -8.82 34.51 6.78
C HIS A 76 -8.13 33.50 5.88
N ALA A 77 -7.44 32.54 6.50
CA ALA A 77 -6.54 31.67 5.75
C ALA A 77 -7.33 30.68 4.88
N THR A 78 -7.08 30.73 3.57
CA THR A 78 -7.66 29.80 2.61
C THR A 78 -6.55 28.89 2.10
N LEU A 79 -6.93 27.93 1.29
CA LEU A 79 -5.96 27.01 0.70
C LEU A 79 -4.92 27.77 -0.14
N ARG A 80 -5.35 28.85 -0.82
CA ARG A 80 -4.46 29.66 -1.65
C ARG A 80 -3.32 30.31 -0.85
N ASP A 81 -3.52 30.46 0.46
CA ASP A 81 -2.51 31.06 1.34
C ASP A 81 -1.36 30.13 1.72
N THR A 82 -1.38 28.86 1.32
CA THR A 82 -0.34 27.94 1.79
C THR A 82 0.86 28.12 0.89
N ALA A 83 2.00 28.41 1.48
CA ALA A 83 3.18 28.82 0.73
C ALA A 83 4.34 28.93 1.67
N VAL A 84 5.50 29.34 1.16
CA VAL A 84 6.63 29.69 2.04
C VAL A 84 6.60 31.18 2.35
N TYR A 85 6.82 31.51 3.62
CA TYR A 85 6.80 32.90 4.11
C TYR A 85 8.17 33.22 4.70
N TYR A 86 8.83 34.23 4.13
CA TYR A 86 10.13 34.68 4.60
C TYR A 86 10.00 35.97 5.38
N CYS A 87 10.62 35.98 6.56
CA CYS A 87 10.72 37.15 7.41
C CYS A 87 12.16 37.63 7.34
N ILE A 88 12.37 38.83 6.81
CA ILE A 88 13.71 39.38 6.63
C ILE A 88 13.81 40.76 7.29
N VAL A 89 15.02 41.16 7.66
CA VAL A 89 15.21 42.49 8.22
C VAL A 89 16.24 43.30 7.44
N TRP A 90 15.94 44.55 7.22
CA TRP A 90 16.82 45.40 6.45
C TRP A 90 16.68 46.84 6.93
N GLY A 91 17.79 47.57 6.95
CA GLY A 91 17.83 48.96 7.39
C GLY A 91 18.48 49.90 6.40
N GLY A 92 18.76 49.40 5.21
CA GLY A 92 19.29 50.23 4.14
C GLY A 92 20.69 49.87 3.73
N TYR A 93 21.04 50.28 2.52
CA TYR A 93 22.39 50.26 1.98
C TYR A 93 22.98 48.88 1.76
N GLN A 94 22.97 48.05 2.81
CA GLN A 94 23.50 46.70 2.72
C GLN A 94 22.63 45.85 1.79
N LYS A 95 23.11 44.64 1.49
CA LYS A 95 22.30 43.64 0.80
C LYS A 95 21.15 43.24 1.70
N VAL A 96 20.21 42.47 1.14
CA VAL A 96 19.14 41.80 1.89
C VAL A 96 19.38 40.29 1.79
N THR A 97 19.21 39.59 2.90
CA THR A 97 19.52 38.18 3.00
C THR A 97 18.27 37.43 3.41
N PHE A 98 18.03 36.28 2.80
CA PHE A 98 16.89 35.44 3.13
C PHE A 98 17.34 34.25 3.94
N GLY A 99 16.53 33.86 4.93
CA GLY A 99 16.62 32.55 5.54
C GLY A 99 15.62 31.63 4.89
N THR A 100 14.88 30.89 5.73
CA THR A 100 14.51 29.53 5.35
C THR A 100 13.15 29.33 4.62
N GLY A 101 12.01 29.89 5.01
CA GLY A 101 11.60 30.28 6.33
C GLY A 101 10.46 29.33 6.77
N THR A 102 9.19 29.72 6.59
CA THR A 102 7.97 28.88 6.90
C THR A 102 7.07 28.88 5.64
N LYS A 103 6.79 27.80 4.89
CA LYS A 103 6.03 26.56 5.16
C LYS A 103 4.78 26.58 6.02
N LEU A 104 3.83 27.37 5.54
CA LEU A 104 2.50 27.47 6.10
C LEU A 104 1.62 26.52 5.31
N GLN A 105 0.80 25.77 6.03
CA GLN A 105 -0.10 24.82 5.42
C GLN A 105 -1.47 25.04 6.04
N VAL A 106 -2.40 25.53 5.24
CA VAL A 106 -3.75 25.72 5.72
C VAL A 106 -4.41 24.36 5.59
N ILE A 107 -5.03 23.91 6.68
CA ILE A 107 -5.66 22.61 6.75
C ILE A 107 -7.16 22.85 6.83
N PRO A 108 -7.94 22.18 5.99
CA PRO A 108 -9.40 22.25 6.06
C PRO A 108 -9.92 21.20 7.03
N ILE A 109 -11.09 21.45 7.64
CA ILE A 109 -11.77 20.41 8.44
C ILE A 109 -12.79 19.64 7.53
N GLN A 110 -12.79 18.31 7.65
CA GLN A 110 -13.73 17.46 6.89
C GLN A 110 -14.86 16.90 7.78
N ASN A 111 -15.92 16.40 7.11
CA ASN A 111 -16.93 15.45 7.67
C ASN A 111 -16.81 14.13 6.82
N PRO A 112 -15.88 13.20 7.21
CA PRO A 112 -15.16 12.33 6.26
C PRO A 112 -15.88 11.14 5.62
N ASP A 113 -15.34 10.69 4.48
CA ASP A 113 -15.82 9.47 3.80
C ASP A 113 -14.69 8.77 3.02
N PRO A 114 -13.68 8.24 3.74
CA PRO A 114 -12.49 7.72 3.07
C PRO A 114 -12.74 6.52 2.14
N ALA A 115 -12.15 6.60 0.94
CA ALA A 115 -12.21 5.50 -0.02
C ALA A 115 -10.97 5.46 -0.92
N VAL A 116 -10.70 4.28 -1.48
CA VAL A 116 -9.64 4.07 -2.48
C VAL A 116 -10.26 3.52 -3.77
N TYR A 117 -10.28 4.35 -4.81
CA TYR A 117 -10.92 4.02 -6.09
C TYR A 117 -9.89 3.75 -7.17
N GLN A 118 -10.29 2.99 -8.19
CA GLN A 118 -9.46 2.77 -9.38
C GLN A 118 -9.97 3.62 -10.54
N LEU A 119 -9.07 4.36 -11.18
CA LEU A 119 -9.41 5.17 -12.36
C LEU A 119 -8.72 4.60 -13.57
N ARG A 120 -9.42 4.52 -14.71
CA ARG A 120 -8.86 3.99 -15.95
C ARG A 120 -8.42 5.10 -16.89
N ASP A 121 -7.35 4.85 -17.64
CA ASP A 121 -6.88 5.79 -18.66
C ASP A 121 -7.93 5.99 -19.74
N SER A 122 -7.97 7.20 -20.28
CA SER A 122 -8.91 7.60 -21.29
C SER A 122 -8.69 6.94 -22.67
N LYS A 123 -7.43 6.66 -23.06
CA LYS A 123 -7.14 6.22 -24.45
C LYS A 123 -7.77 4.84 -24.81
N SER A 124 -7.43 3.73 -24.16
CA SER A 124 -6.08 3.24 -23.80
C SER A 124 -6.10 1.70 -23.61
N SER A 125 -6.62 1.13 -22.49
CA SER A 125 -7.14 1.82 -21.30
C SER A 125 -6.87 0.97 -20.04
N ASP A 126 -5.59 0.83 -19.67
CA ASP A 126 -5.16 -0.06 -18.57
C ASP A 126 -3.63 -0.32 -18.46
N LYS A 127 -2.71 0.55 -18.01
CA LYS A 127 -2.88 1.94 -17.55
CA LYS A 127 -2.89 1.94 -17.58
C LYS A 127 -4.11 2.24 -16.69
N SER A 128 -3.85 2.32 -15.39
CA SER A 128 -4.80 2.72 -14.37
C SER A 128 -4.07 3.40 -13.18
N VAL A 129 -4.85 3.98 -12.27
CA VAL A 129 -4.32 4.71 -11.12
C VAL A 129 -5.24 4.50 -9.93
N CYS A 130 -4.69 4.60 -8.74
CA CYS A 130 -5.46 4.41 -7.52
C CYS A 130 -5.62 5.73 -6.80
N LEU A 131 -6.86 6.05 -6.41
CA LEU A 131 -7.16 7.33 -5.78
C LEU A 131 -7.63 7.12 -4.35
N PHE A 132 -6.85 7.61 -3.39
CA PHE A 132 -7.22 7.58 -1.98
C PHE A 132 -7.76 8.96 -1.67
N THR A 133 -9.03 9.05 -1.28
CA THR A 133 -9.68 10.35 -1.16
C THR A 133 -10.73 10.44 -0.06
N ASP A 134 -11.12 11.67 0.24
CA ASP A 134 -12.20 11.96 1.20
C ASP A 134 -11.84 11.61 2.66
N PHE A 135 -10.55 11.46 2.93
CA PHE A 135 -10.11 11.18 4.29
C PHE A 135 -10.00 12.48 5.08
N ASP A 136 -10.05 12.36 6.40
CA ASP A 136 -9.92 13.52 7.27
C ASP A 136 -8.45 13.97 7.34
N SER A 137 -8.24 15.23 7.67
CA SER A 137 -6.94 15.85 7.57
C SER A 137 -5.91 15.41 8.63
N GLN A 138 -6.34 14.63 9.62
CA GLN A 138 -5.41 13.97 10.53
C GLN A 138 -4.72 12.78 9.87
N THR A 139 -5.33 12.20 8.84
CA THR A 139 -4.76 11.05 8.12
C THR A 139 -3.59 11.50 7.26
N ASN A 140 -2.46 10.77 7.37
CA ASN A 140 -1.28 11.03 6.55
C ASN A 140 -0.99 9.90 5.58
N VAL A 141 -0.68 10.27 4.34
CA VAL A 141 -0.32 9.29 3.33
C VAL A 141 1.20 9.18 3.33
N SER A 142 1.71 7.95 3.40
CA SER A 142 3.15 7.74 3.48
C SER A 142 3.74 7.53 2.09
N GLN A 143 5.06 7.74 1.98
CA GLN A 143 5.78 7.48 0.73
C GLN A 143 6.02 5.98 0.64
N SER A 144 5.75 5.40 -0.53
CA SER A 144 6.00 3.97 -0.75
C SER A 144 7.49 3.73 -0.69
N LYS A 145 7.91 2.72 0.07
CA LYS A 145 9.30 2.29 0.03
C LYS A 145 9.57 1.23 -1.04
N ASP A 146 8.50 0.72 -1.67
CA ASP A 146 8.63 0.01 -2.95
C ASP A 146 8.90 1.05 -4.03
N SER A 147 10.09 1.02 -4.63
CA SER A 147 10.53 2.07 -5.56
C SER A 147 9.75 2.12 -6.87
N ASP A 148 9.33 0.95 -7.34
CA ASP A 148 8.49 0.86 -8.54
C ASP A 148 7.10 1.43 -8.33
N VAL A 149 6.63 1.43 -7.09
CA VAL A 149 5.34 2.02 -6.72
C VAL A 149 5.50 3.51 -6.44
N TYR A 150 4.60 4.32 -6.97
CA TYR A 150 4.67 5.76 -6.75
C TYR A 150 3.42 6.22 -6.01
N ILE A 151 3.63 6.82 -4.83
CA ILE A 151 2.54 7.43 -4.06
C ILE A 151 2.83 8.92 -3.91
N THR A 152 1.84 9.75 -4.25
CA THR A 152 1.99 11.20 -4.17
C THR A 152 1.76 11.68 -2.76
N ASP A 153 2.14 12.92 -2.50
CA ASP A 153 1.81 13.56 -1.24
C ASP A 153 0.33 13.93 -1.29
N LYS A 154 -0.26 14.22 -0.14
CA LYS A 154 -1.70 14.46 -0.06
C LYS A 154 -1.98 15.85 -0.55
N CYS A 155 -3.17 16.06 -1.09
CA CYS A 155 -3.48 17.28 -1.82
C CYS A 155 -4.92 17.69 -1.55
N VAL A 156 -5.15 18.95 -1.20
CA VAL A 156 -6.49 19.42 -0.84
C VAL A 156 -7.13 20.17 -2.01
N LEU A 157 -8.31 19.75 -2.48
CA LEU A 157 -9.03 20.55 -3.51
C LEU A 157 -10.30 21.17 -2.92
N ASP A 158 -10.69 22.32 -3.50
CA ASP A 158 -11.88 23.05 -3.07
C ASP A 158 -12.85 23.18 -4.24
N MET A 159 -13.98 22.50 -4.14
CA MET A 159 -15.05 22.69 -5.09
C MET A 159 -15.82 23.91 -4.59
N ARG A 160 -15.40 25.08 -5.05
CA ARG A 160 -15.90 26.34 -4.52
C ARG A 160 -17.40 26.49 -4.82
N SER A 161 -17.83 25.83 -5.88
CA SER A 161 -19.23 25.80 -6.31
C SER A 161 -20.19 25.26 -5.25
N MET A 162 -19.73 24.25 -4.52
CA MET A 162 -20.56 23.54 -3.54
C MET A 162 -20.06 23.71 -2.11
N ASP A 163 -19.04 24.55 -1.91
CA ASP A 163 -18.43 24.77 -0.61
C ASP A 163 -18.02 23.45 0.05
N PHE A 164 -17.07 22.77 -0.61
CA PHE A 164 -16.71 21.40 -0.27
C PHE A 164 -15.23 21.19 -0.52
N LYS A 165 -14.49 20.82 0.52
CA LYS A 165 -13.06 20.55 0.42
C LYS A 165 -12.88 19.05 0.46
N SER A 166 -11.83 18.55 -0.16
CA SER A 166 -11.47 17.16 -0.03
C SER A 166 -9.99 16.96 -0.22
N ASN A 167 -9.49 15.95 0.49
CA ASN A 167 -8.09 15.54 0.47
C ASN A 167 -7.98 14.35 -0.45
N SER A 168 -6.78 14.14 -1.01
CA SER A 168 -6.54 12.99 -1.86
C SER A 168 -5.04 12.78 -2.11
N ALA A 169 -4.62 11.51 -2.11
CA ALA A 169 -3.33 11.08 -2.62
C ALA A 169 -3.58 10.14 -3.79
N VAL A 170 -2.57 10.00 -4.65
CA VAL A 170 -2.66 9.17 -5.84
C VAL A 170 -1.51 8.19 -5.87
N ALA A 171 -1.80 6.93 -6.24
CA ALA A 171 -0.79 5.89 -6.34
C ALA A 171 -0.87 5.18 -7.69
N TRP A 172 0.29 4.82 -8.25
CA TRP A 172 0.34 3.97 -9.45
C TRP A 172 1.64 3.17 -9.52
N SER A 173 1.64 2.18 -10.44
CA SER A 173 2.80 1.32 -10.68
C SER A 173 2.65 0.51 -11.98
N ASN A 174 3.73 -0.15 -12.39
CA ASN A 174 3.72 -1.08 -13.53
C ASN A 174 3.70 -2.55 -13.11
N LYS A 175 4.01 -2.83 -11.84
CA LYS A 175 4.06 -4.21 -11.34
C LYS A 175 2.77 -4.99 -11.60
N SER A 176 2.89 -6.31 -11.67
CA SER A 176 1.71 -7.18 -11.69
C SER A 176 1.07 -7.17 -10.30
N ASP A 177 1.88 -7.60 -9.32
CA ASP A 177 1.58 -7.51 -7.87
C ASP A 177 0.68 -6.32 -7.48
N PHE A 178 0.94 -5.15 -8.07
CA PHE A 178 0.28 -3.93 -7.64
C PHE A 178 -1.23 -3.94 -7.91
N ALA A 179 -1.99 -3.43 -6.95
CA ALA A 179 -3.42 -3.20 -7.11
C ALA A 179 -3.83 -2.13 -6.10
N CYS A 180 -5.07 -1.68 -6.18
CA CYS A 180 -5.54 -0.62 -5.26
C CYS A 180 -5.81 -1.12 -3.84
N ALA A 181 -6.22 -2.38 -3.70
CA ALA A 181 -6.41 -2.98 -2.39
C ALA A 181 -5.15 -2.84 -1.51
N ASN A 182 -3.99 -2.91 -2.14
CA ASN A 182 -2.70 -2.84 -1.44
C ASN A 182 -1.88 -1.57 -1.71
N ALA A 183 -2.37 -0.69 -2.57
CA ALA A 183 -1.62 0.52 -2.95
C ALA A 183 -1.30 1.37 -1.71
N PHE A 184 -2.33 1.68 -0.92
CA PHE A 184 -2.24 2.54 0.26
C PHE A 184 -2.27 1.77 1.59
N ASN A 185 -1.96 0.48 1.56
CA ASN A 185 -1.95 -0.32 2.79
C ASN A 185 -0.66 -0.13 3.63
N ASN A 186 0.38 0.46 3.01
CA ASN A 186 1.67 0.81 3.67
C ASN A 186 1.58 2.11 4.47
N SER A 187 0.62 2.95 4.09
CA SER A 187 0.19 4.07 4.91
C SER A 187 -0.72 3.48 6.00
N ILE A 188 -1.15 4.31 6.95
CA ILE A 188 -2.07 3.84 8.00
C ILE A 188 -3.45 4.44 7.76
N ILE A 189 -4.12 3.95 6.71
CA ILE A 189 -5.46 4.41 6.36
C ILE A 189 -6.44 4.01 7.46
N PRO A 190 -7.54 4.77 7.61
CA PRO A 190 -8.43 4.54 8.72
C PRO A 190 -9.25 3.27 8.56
N GLU A 191 -9.76 2.77 9.68
CA GLU A 191 -10.40 1.46 9.72
C GLU A 191 -11.64 1.40 8.83
N ASP A 192 -12.34 2.52 8.69
CA ASP A 192 -13.60 2.56 7.95
C ASP A 192 -13.47 2.86 6.44
N THR A 193 -12.25 2.83 5.89
CA THR A 193 -12.03 3.09 4.46
C THR A 193 -12.87 2.21 3.54
N PHE A 194 -13.49 2.84 2.54
CA PHE A 194 -14.32 2.14 1.55
C PHE A 194 -13.46 1.64 0.41
N PHE A 195 -13.46 0.33 0.20
CA PHE A 195 -12.75 -0.29 -0.90
C PHE A 195 -13.79 -1.01 -1.74
N PRO A 196 -14.24 -0.37 -2.84
CA PRO A 196 -15.18 -1.02 -3.75
C PRO A 196 -14.76 -2.42 -4.14
N SER A 197 -15.71 -3.32 -4.36
CA SER A 197 -15.49 -4.31 -5.40
C SER A 197 -16.76 -4.81 -6.07
N PRO A 198 -17.14 -4.15 -7.18
CA PRO A 198 -17.82 -4.87 -8.23
C PRO A 198 -16.76 -5.58 -9.09
N THR B 1 3.80 43.44 -11.04
CA THR B 1 4.87 42.40 -10.90
C THR B 1 6.21 43.08 -10.48
N GLY B 2 6.67 44.15 -11.15
CA GLY B 2 6.53 44.45 -12.59
C GLY B 2 7.93 44.44 -13.25
N VAL B 3 8.86 43.74 -12.61
CA VAL B 3 10.21 43.51 -13.12
C VAL B 3 10.19 42.29 -14.05
N SER B 4 11.00 42.30 -15.10
CA SER B 4 11.01 41.21 -16.09
C SER B 4 12.38 40.56 -16.27
N GLN B 5 12.37 39.31 -16.73
CA GLN B 5 13.61 38.54 -16.91
C GLN B 5 13.60 37.73 -18.20
N ASN B 6 14.77 37.57 -18.82
CA ASN B 6 14.92 36.90 -20.12
C ASN B 6 16.17 36.04 -20.18
N PRO B 7 16.01 34.76 -20.51
CA PRO B 7 14.74 34.08 -20.75
C PRO B 7 14.10 33.66 -19.43
N ARG B 8 12.98 32.95 -19.51
CA ARG B 8 12.36 32.30 -18.36
C ARG B 8 13.10 31.02 -17.95
N HIS B 9 13.81 30.39 -18.90
CA HIS B 9 14.50 29.13 -18.65
C HIS B 9 15.57 28.88 -19.69
N LYS B 10 16.54 28.06 -19.35
CA LYS B 10 17.62 27.75 -20.27
C LYS B 10 18.29 26.45 -19.86
N ILE B 11 18.40 25.51 -20.80
CA ILE B 11 19.08 24.24 -20.59
C ILE B 11 20.37 24.21 -21.42
N THR B 12 21.54 24.15 -20.77
CA THR B 12 22.84 24.05 -21.46
C THR B 12 23.55 22.74 -21.19
N LYS B 13 24.51 22.42 -22.05
CA LYS B 13 25.52 21.38 -21.80
C LYS B 13 26.65 22.03 -20.95
N ARG B 14 27.55 21.22 -20.37
CA ARG B 14 28.60 21.70 -19.44
C ARG B 14 29.47 22.87 -19.93
N GLY B 15 30.11 22.71 -21.08
CA GLY B 15 31.06 23.74 -21.52
C GLY B 15 30.49 25.15 -21.60
N GLN B 16 29.22 25.28 -21.96
CA GLN B 16 28.68 26.50 -22.60
C GLN B 16 28.60 27.73 -21.70
N ASN B 17 28.64 28.90 -22.36
CA ASN B 17 28.33 30.18 -21.74
C ASN B 17 26.84 30.47 -21.84
N VAL B 18 26.35 31.28 -20.92
CA VAL B 18 24.93 31.58 -20.81
C VAL B 18 24.81 32.99 -20.30
N THR B 19 23.81 33.73 -20.76
CA THR B 19 23.63 35.11 -20.33
C THR B 19 22.15 35.37 -20.09
N PHE B 20 21.84 35.93 -18.91
CA PHE B 20 20.48 36.30 -18.58
C PHE B 20 20.37 37.82 -18.54
N ARG B 21 19.14 38.31 -18.70
CA ARG B 21 18.86 39.73 -18.60
C ARG B 21 17.73 39.95 -17.59
N CYS B 22 17.77 41.09 -16.91
CA CYS B 22 16.74 41.46 -15.96
C CYS B 22 16.37 42.91 -16.19
N ASP B 23 15.09 43.21 -16.33
CA ASP B 23 14.65 44.58 -16.52
C ASP B 23 13.90 45.12 -15.31
N PRO B 24 14.47 46.12 -14.63
CA PRO B 24 13.83 46.61 -13.44
C PRO B 24 12.63 47.46 -13.73
N ILE B 25 11.89 47.81 -12.68
CA ILE B 25 10.79 48.75 -12.78
C ILE B 25 11.40 50.12 -13.04
N SER B 26 10.80 50.87 -13.97
CA SER B 26 11.37 52.15 -14.41
C SER B 26 11.90 52.97 -13.24
N GLU B 27 13.15 53.46 -13.39
CA GLU B 27 13.81 54.37 -12.44
C GLU B 27 14.15 53.76 -11.07
N HIS B 28 14.06 52.45 -10.95
CA HIS B 28 14.46 51.79 -9.72
C HIS B 28 15.98 51.81 -9.61
N ASN B 29 16.46 52.69 -8.77
CA ASN B 29 17.83 52.74 -8.22
C ASN B 29 18.59 51.44 -8.02
N ARG B 30 17.90 50.41 -7.52
CA ARG B 30 18.55 49.24 -6.97
C ARG B 30 18.13 47.98 -7.68
N LEU B 31 19.10 47.11 -7.93
CA LEU B 31 18.84 45.85 -8.59
C LEU B 31 19.59 44.77 -7.83
N TYR B 32 18.88 43.69 -7.50
CA TYR B 32 19.46 42.56 -6.77
C TYR B 32 19.43 41.28 -7.61
N TRP B 33 20.39 40.40 -7.38
CA TRP B 33 20.39 39.06 -7.98
C TRP B 33 20.47 38.05 -6.87
N TYR B 34 19.61 37.04 -6.93
CA TYR B 34 19.68 35.87 -6.05
C TYR B 34 19.69 34.60 -6.91
N ARG B 35 20.18 33.49 -6.35
CA ARG B 35 19.96 32.15 -6.94
C ARG B 35 19.21 31.31 -5.91
N GLN B 36 18.42 30.36 -6.41
CA GLN B 36 17.61 29.53 -5.53
C GLN B 36 17.51 28.08 -6.03
N THR B 37 17.65 27.12 -5.11
CA THR B 37 17.43 25.71 -5.42
C THR B 37 16.26 25.18 -4.63
N LEU B 38 15.70 24.06 -5.10
CA LEU B 38 14.42 23.53 -4.58
C LEU B 38 14.44 23.32 -3.07
N GLY B 39 13.48 23.92 -2.38
CA GLY B 39 13.34 23.78 -0.94
C GLY B 39 14.24 24.68 -0.11
N GLN B 40 14.91 25.63 -0.76
CA GLN B 40 15.78 26.55 -0.04
C GLN B 40 15.38 27.96 -0.36
N GLY B 41 15.80 28.89 0.48
CA GLY B 41 15.52 30.31 0.26
C GLY B 41 16.50 30.92 -0.74
N PRO B 42 16.18 32.11 -1.26
CA PRO B 42 17.11 32.73 -2.20
C PRO B 42 18.48 32.99 -1.57
N GLU B 43 19.54 32.77 -2.33
CA GLU B 43 20.91 32.96 -1.85
C GLU B 43 21.46 34.18 -2.55
N PHE B 44 21.96 35.15 -1.78
CA PHE B 44 22.40 36.40 -2.36
C PHE B 44 23.62 36.21 -3.27
N LEU B 45 23.55 36.77 -4.48
CA LEU B 45 24.68 36.73 -5.42
C LEU B 45 25.40 38.09 -5.49
N THR B 46 24.68 39.13 -5.89
CA THR B 46 25.24 40.48 -6.00
C THR B 46 24.13 41.51 -6.06
N TYR B 47 24.46 42.77 -5.74
CA TYR B 47 23.53 43.90 -5.95
C TYR B 47 24.18 45.20 -6.41
N PHE B 48 23.34 46.04 -7.04
CA PHE B 48 23.76 47.29 -7.65
C PHE B 48 23.08 48.47 -7.01
N GLN B 49 23.81 49.57 -6.91
CA GLN B 49 23.27 50.89 -6.59
C GLN B 49 23.63 51.79 -7.77
N ASN B 50 22.61 52.25 -8.51
CA ASN B 50 22.79 52.90 -9.82
C ASN B 50 23.59 51.93 -10.70
N GLU B 51 24.70 52.37 -11.31
CA GLU B 51 25.57 51.47 -12.12
C GLU B 51 26.58 50.70 -11.27
N ALA B 52 26.62 50.97 -9.97
CA ALA B 52 27.78 50.65 -9.15
C ALA B 52 27.58 49.35 -8.40
N GLN B 53 28.15 48.27 -8.87
CA GLN B 53 28.11 47.09 -8.10
C GLN B 53 28.69 47.52 -6.79
N LEU B 54 29.21 47.82 -5.35
CA LEU B 54 28.43 47.24 -4.26
C LEU B 54 29.13 46.01 -3.69
N GLU B 55 28.54 44.84 -3.91
CA GLU B 55 28.88 43.65 -3.15
C GLU B 55 28.60 42.46 -4.04
N LYS B 56 29.55 41.53 -4.11
CA LYS B 56 29.30 40.23 -4.73
C LYS B 56 29.64 39.17 -3.69
N SER B 57 28.79 38.16 -3.57
CA SER B 57 28.99 37.19 -2.52
C SER B 57 30.14 36.23 -2.83
N ARG B 58 30.86 35.81 -1.79
CA ARG B 58 31.93 34.82 -1.96
C ARG B 58 31.40 33.54 -2.61
N LEU B 59 30.09 33.49 -2.86
CA LEU B 59 29.46 32.48 -3.73
C LEU B 59 30.04 32.73 -5.12
N LEU B 60 29.37 33.54 -5.96
CA LEU B 60 29.87 33.92 -7.30
C LEU B 60 31.36 33.62 -7.52
N SER B 61 31.63 32.65 -8.38
CA SER B 61 32.98 32.43 -8.91
C SER B 61 33.33 33.57 -9.87
N ASP B 62 34.54 33.53 -10.41
CA ASP B 62 34.94 34.47 -11.46
C ASP B 62 34.19 34.18 -12.77
N ARG B 63 33.63 32.99 -12.87
CA ARG B 63 32.85 32.57 -14.02
C ARG B 63 31.52 33.35 -14.11
N PHE B 64 31.09 33.94 -13.00
CA PHE B 64 29.91 34.79 -12.97
C PHE B 64 30.36 36.23 -13.13
N SER B 65 29.61 37.00 -13.92
CA SER B 65 29.83 38.43 -14.01
C SER B 65 28.51 39.13 -14.30
N ALA B 66 28.18 40.12 -13.48
CA ALA B 66 26.93 40.81 -13.54
C ALA B 66 27.23 42.24 -13.91
N GLU B 67 26.64 42.70 -15.01
CA GLU B 67 26.84 44.07 -15.48
C GLU B 67 25.52 44.84 -15.39
N ARG B 68 25.62 46.16 -15.34
CA ARG B 68 24.45 47.05 -15.31
C ARG B 68 24.88 48.43 -15.81
N PRO B 69 25.19 48.51 -17.11
CA PRO B 69 25.96 49.65 -17.66
C PRO B 69 25.24 51.01 -17.67
N LYS B 70 23.93 51.04 -17.48
CA LYS B 70 23.16 52.30 -17.45
C LYS B 70 22.32 52.45 -16.18
N GLY B 71 22.77 51.83 -15.10
CA GLY B 71 21.95 51.76 -13.89
C GLY B 71 20.49 51.40 -14.15
N SER B 72 20.25 50.65 -15.22
CA SER B 72 18.90 50.27 -15.65
C SER B 72 18.80 48.74 -15.71
N PHE B 73 18.72 48.16 -16.90
CA PHE B 73 18.76 46.70 -17.06
C PHE B 73 20.11 46.12 -16.60
N SER B 74 20.07 44.87 -16.15
CA SER B 74 21.27 44.14 -15.70
C SER B 74 21.39 42.79 -16.39
N THR B 75 22.60 42.45 -16.83
CA THR B 75 22.89 41.11 -17.37
C THR B 75 23.75 40.32 -16.39
N LEU B 76 23.49 39.02 -16.30
CA LEU B 76 24.31 38.08 -15.58
C LEU B 76 24.87 37.12 -16.62
N GLU B 77 26.20 37.04 -16.67
CA GLU B 77 26.90 36.11 -17.55
C GLU B 77 27.53 35.01 -16.69
N ILE B 78 27.21 33.75 -16.99
CA ILE B 78 27.89 32.61 -16.39
C ILE B 78 28.70 31.96 -17.49
N GLN B 79 30.01 31.87 -17.28
CA GLN B 79 30.89 31.24 -18.23
C GLN B 79 31.12 29.78 -17.87
N ARG B 80 31.58 28.99 -18.84
CA ARG B 80 31.89 27.57 -18.66
C ARG B 80 31.02 26.90 -17.61
N THR B 81 29.72 26.83 -17.90
CA THR B 81 28.71 26.36 -16.95
C THR B 81 28.99 25.00 -16.30
N GLU B 82 28.57 24.85 -15.04
CA GLU B 82 28.74 23.61 -14.29
C GLU B 82 27.41 23.13 -13.76
N GLN B 83 27.26 21.81 -13.66
CA GLN B 83 26.06 21.18 -13.07
C GLN B 83 25.56 21.91 -11.82
N GLY B 84 26.50 22.26 -10.94
CA GLY B 84 26.18 22.94 -9.70
C GLY B 84 25.66 24.37 -9.81
N ASP B 85 25.65 24.93 -11.02
CA ASP B 85 25.00 26.23 -11.28
C ASP B 85 23.50 26.12 -11.45
N SER B 86 23.01 24.90 -11.61
CA SER B 86 21.60 24.70 -11.93
C SER B 86 20.79 25.25 -10.78
N ALA B 87 19.93 26.21 -11.10
CA ALA B 87 19.18 26.96 -10.10
C ALA B 87 18.27 27.98 -10.75
N MET B 88 17.38 28.55 -9.96
CA MET B 88 16.52 29.63 -10.39
C MET B 88 17.23 30.91 -10.02
N TYR B 89 17.54 31.74 -11.01
CA TYR B 89 18.24 32.99 -10.79
C TYR B 89 17.22 34.13 -10.77
N LEU B 90 17.10 34.77 -9.60
CA LEU B 90 16.01 35.73 -9.36
C LEU B 90 16.53 37.15 -9.41
N CYS B 91 15.76 38.01 -10.07
CA CYS B 91 16.08 39.41 -10.12
C CYS B 91 15.09 40.16 -9.24
N ALA B 92 15.59 41.17 -8.54
CA ALA B 92 14.72 42.06 -7.77
C ALA B 92 15.17 43.48 -8.03
N SER B 93 14.25 44.42 -7.92
CA SER B 93 14.59 45.83 -8.02
C SER B 93 13.86 46.63 -6.94
N ARG B 94 14.41 47.79 -6.59
CA ARG B 94 13.85 48.66 -5.55
C ARG B 94 13.98 50.14 -5.97
N TYR B 95 12.99 50.94 -5.60
CA TYR B 95 12.91 52.32 -6.07
C TYR B 95 14.12 53.14 -5.62
N ARG B 96 14.38 53.18 -4.32
CA ARG B 96 15.49 53.99 -3.79
C ARG B 96 16.15 53.22 -2.66
N ASP B 97 17.32 53.69 -2.21
CA ASP B 97 17.93 53.13 -0.99
C ASP B 97 17.12 53.71 0.14
N ASP B 98 15.99 53.05 0.39
CA ASP B 98 14.93 53.56 1.26
C ASP B 98 14.05 52.42 1.82
N SER B 99 14.09 52.25 3.13
CA SER B 99 13.40 51.16 3.78
C SER B 99 11.91 51.12 3.50
N TYR B 100 11.34 52.26 3.13
CA TYR B 100 9.93 52.37 2.78
C TYR B 100 9.61 51.61 1.50
N ASN B 101 10.54 51.69 0.54
CA ASN B 101 10.38 51.05 -0.74
C ASN B 101 10.72 49.56 -0.67
N GLU B 102 9.80 48.70 -1.10
CA GLU B 102 10.02 47.25 -1.04
C GLU B 102 10.70 46.74 -2.30
N GLN B 103 11.36 45.59 -2.18
CA GLN B 103 11.87 44.84 -3.33
C GLN B 103 10.70 44.24 -4.11
N PHE B 104 10.71 44.42 -5.43
CA PHE B 104 9.80 43.70 -6.32
C PHE B 104 10.60 42.63 -7.07
N PHE B 105 10.15 41.39 -7.03
CA PHE B 105 10.89 40.31 -7.72
C PHE B 105 10.34 40.02 -9.10
N GLY B 106 11.25 39.66 -10.00
CA GLY B 106 10.88 39.13 -11.31
C GLY B 106 10.48 37.65 -11.23
N PRO B 107 10.11 37.05 -12.37
CA PRO B 107 9.63 35.68 -12.34
C PRO B 107 10.76 34.65 -12.42
N GLY B 108 12.00 35.14 -12.54
CA GLY B 108 13.17 34.29 -12.46
C GLY B 108 13.57 33.64 -13.77
N THR B 109 14.82 33.19 -13.84
CA THR B 109 15.35 32.44 -14.98
C THR B 109 15.90 31.10 -14.52
N ARG B 110 15.15 30.04 -14.79
CA ARG B 110 15.48 28.70 -14.31
C ARG B 110 16.54 28.02 -15.20
N LEU B 111 17.81 28.04 -14.76
CA LEU B 111 18.91 27.33 -15.42
C LEU B 111 19.04 25.85 -14.99
N THR B 112 19.12 24.96 -15.98
CA THR B 112 19.54 23.59 -15.76
C THR B 112 20.76 23.30 -16.66
N VAL B 113 21.84 22.79 -16.06
CA VAL B 113 23.05 22.42 -16.82
C VAL B 113 23.29 20.91 -16.75
N LEU B 114 23.65 20.32 -17.89
CA LEU B 114 23.62 18.88 -18.05
C LEU B 114 24.91 18.24 -18.63
N GLU B 115 25.17 17.04 -18.13
CA GLU B 115 26.23 16.14 -18.59
C GLU B 115 26.06 15.93 -20.10
N ASP B 116 24.81 15.80 -20.53
CA ASP B 116 24.48 15.83 -21.95
C ASP B 116 22.95 15.95 -22.16
N LEU B 117 22.57 16.45 -23.32
CA LEU B 117 21.19 16.80 -23.59
C LEU B 117 20.30 15.61 -23.91
N LYS B 118 20.87 14.42 -24.12
CA LYS B 118 20.06 13.21 -24.29
C LYS B 118 19.30 12.80 -23.01
N ASN B 119 19.57 13.50 -21.90
CA ASN B 119 18.84 13.23 -20.67
C ASN B 119 17.54 14.05 -20.58
N VAL B 120 17.32 14.96 -21.52
CA VAL B 120 16.12 15.80 -21.52
C VAL B 120 14.97 15.11 -22.25
N PHE B 121 13.90 14.78 -21.55
CA PHE B 121 12.70 14.17 -22.16
C PHE B 121 11.48 15.04 -21.85
N PRO B 122 10.52 15.16 -22.78
CA PRO B 122 9.28 15.88 -22.47
C PRO B 122 8.34 14.96 -21.71
N PRO B 123 7.27 15.53 -21.12
CA PRO B 123 6.26 14.66 -20.54
C PRO B 123 5.38 13.93 -21.56
N GLU B 124 4.96 12.72 -21.20
CA GLU B 124 3.77 12.11 -21.74
C GLU B 124 2.65 12.39 -20.73
N VAL B 125 1.43 12.58 -21.23
CA VAL B 125 0.31 12.95 -20.38
C VAL B 125 -0.91 12.07 -20.69
N ALA B 126 -1.49 11.52 -19.63
CA ALA B 126 -2.68 10.72 -19.71
C ALA B 126 -3.66 11.32 -18.72
N VAL B 127 -4.94 11.31 -19.10
CA VAL B 127 -6.01 11.69 -18.18
C VAL B 127 -6.75 10.43 -17.81
N PHE B 128 -7.00 10.21 -16.52
CA PHE B 128 -7.67 8.98 -16.05
C PHE B 128 -9.11 9.26 -15.63
N GLU B 129 -10.06 8.50 -16.19
CA GLU B 129 -11.50 8.74 -16.02
C GLU B 129 -12.00 8.24 -14.66
N PRO B 130 -13.01 8.93 -14.10
CA PRO B 130 -13.50 8.62 -12.77
C PRO B 130 -14.15 7.24 -12.66
N SER B 131 -13.98 6.64 -11.49
CA SER B 131 -14.56 5.34 -11.10
C SER B 131 -16.06 5.46 -10.96
N GLU B 132 -16.79 4.43 -11.40
CA GLU B 132 -18.24 4.35 -11.17
C GLU B 132 -18.51 4.23 -9.66
N ALA B 133 -17.65 3.49 -8.96
CA ALA B 133 -17.71 3.37 -7.51
C ALA B 133 -17.73 4.75 -6.82
N GLU B 134 -16.89 5.66 -7.26
CA GLU B 134 -16.94 7.01 -6.72
C GLU B 134 -18.27 7.68 -7.02
N ILE B 135 -18.69 7.59 -8.28
CA ILE B 135 -19.89 8.29 -8.72
C ILE B 135 -21.11 7.84 -7.93
N SER B 136 -21.24 6.53 -7.67
CA SER B 136 -22.42 6.03 -6.96
C SER B 136 -22.32 6.24 -5.45
N HIS B 137 -21.13 6.51 -4.93
CA HIS B 137 -20.95 6.65 -3.48
C HIS B 137 -21.08 8.10 -3.01
N THR B 138 -20.57 9.02 -3.81
CA THR B 138 -20.46 10.43 -3.43
C THR B 138 -21.18 11.40 -4.39
N GLN B 139 -21.69 10.89 -5.51
CA GLN B 139 -22.18 11.71 -6.62
C GLN B 139 -21.19 12.82 -6.99
N LYS B 140 -19.91 12.51 -6.88
CA LYS B 140 -18.84 13.36 -7.38
C LYS B 140 -17.96 12.50 -8.26
N ALA B 141 -17.18 13.13 -9.12
CA ALA B 141 -16.38 12.42 -10.11
C ALA B 141 -14.99 13.06 -10.17
N THR B 142 -13.95 12.31 -9.80
CA THR B 142 -12.58 12.80 -9.83
C THR B 142 -11.78 12.33 -11.07
N LEU B 143 -11.37 13.25 -11.92
CA LEU B 143 -10.42 12.92 -12.98
C LEU B 143 -9.02 13.09 -12.42
N VAL B 144 -8.10 12.24 -12.88
CA VAL B 144 -6.69 12.37 -12.56
C VAL B 144 -5.87 12.56 -13.82
N CYS B 145 -4.93 13.50 -13.76
CA CYS B 145 -3.94 13.68 -14.81
C CYS B 145 -2.60 13.20 -14.30
N LEU B 146 -1.89 12.43 -15.12
CA LEU B 146 -0.52 12.00 -14.82
C LEU B 146 0.43 12.52 -15.89
N ALA B 147 1.39 13.33 -15.46
CA ALA B 147 2.49 13.74 -16.30
C ALA B 147 3.70 12.86 -15.97
N THR B 148 4.23 12.18 -16.99
CA THR B 148 5.44 11.34 -16.87
C THR B 148 6.19 11.40 -18.22
N GLY B 149 7.44 10.96 -18.34
CA GLY B 149 8.44 10.92 -17.31
C GLY B 149 9.45 11.90 -17.89
N PHE B 150 9.44 13.12 -17.37
CA PHE B 150 10.04 14.27 -18.04
C PHE B 150 11.32 14.71 -17.35
N TYR B 151 12.14 15.52 -18.04
CA TYR B 151 13.39 15.99 -17.47
C TYR B 151 13.96 17.13 -18.30
N PRO B 152 14.35 18.24 -17.66
CA PRO B 152 14.31 18.49 -16.22
C PRO B 152 12.89 18.71 -15.75
N ASP B 153 12.70 19.09 -14.49
CA ASP B 153 11.37 19.37 -14.00
C ASP B 153 11.02 20.85 -13.99
N HIS B 154 10.85 21.43 -15.18
CA HIS B 154 10.05 22.66 -15.28
CA HIS B 154 10.12 22.68 -15.35
C HIS B 154 8.89 22.40 -16.23
N VAL B 155 7.80 22.01 -15.59
CA VAL B 155 6.50 21.76 -16.22
C VAL B 155 5.42 22.58 -15.52
N GLU B 156 4.36 22.94 -16.23
CA GLU B 156 3.23 23.67 -15.66
C GLU B 156 1.96 23.00 -16.13
N LEU B 157 1.28 22.37 -15.17
CA LEU B 157 0.05 21.60 -15.40
C LEU B 157 -1.19 22.48 -15.23
N SER B 158 -2.19 22.31 -16.10
CA SER B 158 -3.42 23.09 -16.02
C SER B 158 -4.56 22.27 -16.59
N TRP B 159 -5.73 22.35 -15.95
CA TRP B 159 -6.96 21.73 -16.41
C TRP B 159 -7.81 22.75 -17.17
N TRP B 160 -8.34 22.35 -18.30
CA TRP B 160 -9.24 23.20 -19.05
C TRP B 160 -10.55 22.48 -19.20
N VAL B 161 -11.65 23.09 -18.78
CA VAL B 161 -12.97 22.50 -18.95
C VAL B 161 -13.77 23.36 -19.89
N ASN B 162 -14.30 22.74 -20.95
CA ASN B 162 -15.03 23.45 -21.98
C ASN B 162 -14.35 24.75 -22.44
N GLY B 163 -13.03 24.69 -22.58
CA GLY B 163 -12.22 25.77 -23.17
C GLY B 163 -11.89 26.96 -22.29
N LYS B 164 -11.72 26.72 -20.99
CA LYS B 164 -11.29 27.77 -20.07
C LYS B 164 -10.48 27.09 -18.99
N GLU B 165 -9.32 27.65 -18.63
CA GLU B 165 -8.57 27.08 -17.55
C GLU B 165 -9.41 27.20 -16.29
N VAL B 166 -9.48 26.12 -15.50
CA VAL B 166 -10.21 26.15 -14.25
C VAL B 166 -9.26 26.04 -13.06
N HIS B 167 -9.72 26.54 -11.91
CA HIS B 167 -9.00 26.39 -10.65
C HIS B 167 -9.86 25.75 -9.54
N SER B 168 -11.15 26.05 -9.49
CA SER B 168 -12.07 25.31 -8.61
C SER B 168 -11.92 23.83 -8.92
N GLY B 169 -12.02 22.99 -7.90
CA GLY B 169 -12.04 21.52 -8.08
C GLY B 169 -10.72 20.87 -8.44
N VAL B 170 -9.64 21.66 -8.38
CA VAL B 170 -8.33 21.22 -8.84
C VAL B 170 -7.27 21.16 -7.73
N CYS B 171 -6.41 20.14 -7.86
CA CYS B 171 -5.28 19.88 -6.97
C CYS B 171 -4.12 19.37 -7.79
N THR B 172 -2.93 19.90 -7.55
CA THR B 172 -1.74 19.41 -8.20
C THR B 172 -0.67 19.22 -7.12
N ASP B 173 0.19 18.21 -7.32
CA ASP B 173 1.24 17.87 -6.36
C ASP B 173 2.19 19.06 -6.29
N PRO B 174 2.55 19.49 -5.06
CA PRO B 174 3.46 20.62 -4.89
C PRO B 174 4.75 20.42 -5.70
N GLN B 175 5.37 19.25 -5.51
CA GLN B 175 6.55 18.83 -6.30
C GLN B 175 6.26 17.56 -7.11
N PRO B 176 7.02 17.35 -8.19
CA PRO B 176 6.98 16.05 -8.88
C PRO B 176 7.61 14.99 -8.01
N LEU B 177 7.58 13.74 -8.45
CA LEU B 177 8.31 12.69 -7.76
C LEU B 177 9.25 11.97 -8.72
N LYS B 178 10.34 11.44 -8.19
CA LYS B 178 11.35 10.80 -9.01
C LYS B 178 10.88 9.41 -9.42
N GLU B 179 11.00 9.10 -10.71
CA GLU B 179 10.60 7.79 -11.23
C GLU B 179 11.62 6.68 -10.89
N GLN B 180 12.91 7.03 -10.80
CA GLN B 180 13.96 6.09 -10.38
C GLN B 180 14.99 6.81 -9.51
N PRO B 181 14.68 6.96 -8.20
CA PRO B 181 15.21 8.02 -7.31
C PRO B 181 16.56 8.06 -6.53
N ALA B 182 17.49 7.10 -6.47
CA ALA B 182 17.82 6.00 -7.40
C ALA B 182 18.89 6.46 -8.41
N LEU B 183 18.61 7.53 -9.15
CA LEU B 183 19.51 8.02 -10.22
C LEU B 183 19.80 9.52 -10.19
N ASN B 184 20.98 9.91 -10.70
CA ASN B 184 21.29 11.32 -11.04
C ASN B 184 20.21 11.89 -11.98
N ASP B 185 20.15 11.35 -13.20
CA ASP B 185 19.26 11.87 -14.24
C ASP B 185 17.82 11.35 -14.09
N SER B 186 17.34 11.21 -12.86
CA SER B 186 16.01 10.64 -12.62
C SER B 186 15.00 11.48 -13.32
N ARG B 187 14.15 10.84 -14.12
CA ARG B 187 13.04 11.53 -14.76
C ARG B 187 11.88 11.61 -13.79
N TYR B 188 11.06 12.65 -13.91
CA TYR B 188 10.07 13.02 -12.90
C TYR B 188 8.63 12.67 -13.31
N ALA B 189 7.73 12.63 -12.34
CA ALA B 189 6.29 12.47 -12.61
C ALA B 189 5.47 13.40 -11.73
N LEU B 190 4.38 13.92 -12.26
CA LEU B 190 3.50 14.82 -11.53
C LEU B 190 2.03 14.42 -11.77
N SER B 191 1.23 14.41 -10.70
CA SER B 191 -0.19 14.15 -10.84
C SER B 191 -1.01 15.34 -10.40
N SER B 192 -2.22 15.41 -10.95
CA SER B 192 -3.20 16.42 -10.60
C SER B 192 -4.61 15.82 -10.65
N ARG B 193 -5.52 16.40 -9.87
CA ARG B 193 -6.91 15.93 -9.71
C ARG B 193 -7.85 17.05 -10.11
N LEU B 194 -8.92 16.72 -10.82
CA LEU B 194 -10.03 17.65 -11.07
C LEU B 194 -11.25 16.93 -10.59
N ARG B 195 -12.02 17.58 -9.72
CA ARG B 195 -13.25 16.96 -9.23
C ARG B 195 -14.46 17.75 -9.68
N VAL B 196 -15.44 17.04 -10.24
CA VAL B 196 -16.70 17.65 -10.68
C VAL B 196 -17.88 16.87 -10.09
N SER B 197 -19.09 17.31 -10.37
CA SER B 197 -20.28 16.61 -9.89
C SER B 197 -20.46 15.40 -10.77
N ALA B 198 -21.13 14.37 -10.28
CA ALA B 198 -21.35 13.17 -11.07
C ALA B 198 -22.07 13.58 -12.35
N THR B 199 -23.19 14.27 -12.18
CA THR B 199 -23.98 14.69 -13.31
C THR B 199 -23.18 15.55 -14.32
N PHE B 200 -22.28 16.42 -13.86
CA PHE B 200 -21.45 17.19 -14.79
C PHE B 200 -20.54 16.30 -15.64
N TRP B 201 -20.03 15.22 -15.05
CA TRP B 201 -19.17 14.30 -15.79
C TRP B 201 -19.96 13.41 -16.74
N GLN B 202 -21.23 13.15 -16.40
CA GLN B 202 -22.06 12.20 -17.17
C GLN B 202 -22.76 12.85 -18.34
N ASN B 203 -22.33 14.06 -18.69
CA ASN B 203 -22.84 14.78 -19.83
C ASN B 203 -21.77 14.79 -20.92
N PRO B 204 -22.00 14.05 -22.02
CA PRO B 204 -20.98 13.87 -23.04
C PRO B 204 -20.61 15.13 -23.79
N ARG B 205 -21.32 16.23 -23.52
CA ARG B 205 -21.05 17.50 -24.18
C ARG B 205 -19.95 18.27 -23.45
N ASN B 206 -19.53 17.78 -22.30
CA ASN B 206 -18.44 18.39 -21.57
C ASN B 206 -17.09 17.77 -21.95
N HIS B 207 -16.07 18.62 -21.98
CA HIS B 207 -14.76 18.29 -22.47
C HIS B 207 -13.69 18.65 -21.45
N PHE B 208 -12.80 17.71 -21.17
CA PHE B 208 -11.80 17.88 -20.13
C PHE B 208 -10.42 17.71 -20.74
N ARG B 209 -9.58 18.71 -20.56
CA ARG B 209 -8.22 18.66 -21.12
C ARG B 209 -7.21 18.88 -20.02
N CYS B 210 -6.15 18.09 -20.07
CA CYS B 210 -5.02 18.27 -19.17
C CYS B 210 -3.86 18.76 -20.02
N GLN B 211 -3.34 19.93 -19.67
CA GLN B 211 -2.28 20.59 -20.43
C GLN B 211 -1.01 20.71 -19.60
N VAL B 212 0.11 20.25 -20.15
CA VAL B 212 1.40 20.39 -19.47
C VAL B 212 2.41 21.12 -20.34
N GLN B 213 2.76 22.33 -19.91
CA GLN B 213 3.81 23.10 -20.58
C GLN B 213 5.14 22.56 -20.07
N PHE B 214 6.02 22.27 -21.00
CA PHE B 214 7.34 21.75 -20.68
C PHE B 214 8.34 22.74 -21.24
N TYR B 215 9.39 23.01 -20.47
CA TYR B 215 10.39 23.96 -20.88
C TYR B 215 11.67 23.19 -21.16
N GLY B 216 11.95 23.00 -22.45
CA GLY B 216 13.03 22.10 -22.87
C GLY B 216 14.13 22.79 -23.64
N LEU B 217 14.62 22.12 -24.67
CA LEU B 217 15.66 22.66 -25.51
C LEU B 217 15.08 23.70 -26.44
N SER B 218 15.95 24.51 -27.03
CA SER B 218 15.56 25.48 -28.06
C SER B 218 15.71 24.85 -29.44
N GLU B 219 14.95 25.38 -30.41
CA GLU B 219 15.08 24.93 -31.82
C GLU B 219 16.55 24.90 -32.27
N ASN B 220 17.32 25.81 -31.68
CA ASN B 220 18.68 26.11 -32.06
C ASN B 220 19.75 25.23 -31.38
N ASP B 221 19.33 24.28 -30.53
CA ASP B 221 20.25 23.40 -29.82
C ASP B 221 20.65 22.21 -30.69
N GLU B 222 21.93 21.85 -30.66
CA GLU B 222 22.45 20.67 -31.37
C GLU B 222 21.76 19.42 -30.83
N TRP B 223 21.12 18.68 -31.74
CA TRP B 223 20.36 17.51 -31.35
C TRP B 223 20.68 16.30 -32.21
N THR B 224 20.79 15.16 -31.55
CA THR B 224 21.49 14.00 -32.10
C THR B 224 20.58 12.76 -32.25
N GLN B 225 19.81 12.45 -31.23
CA GLN B 225 19.08 11.18 -31.15
C GLN B 225 17.95 11.01 -32.20
N ASP B 226 17.36 9.81 -32.22
CA ASP B 226 16.26 9.49 -33.13
C ASP B 226 15.00 10.25 -32.75
N ARG B 227 14.63 10.15 -31.48
CA ARG B 227 13.36 10.68 -30.99
C ARG B 227 13.28 12.18 -31.19
N ALA B 228 12.05 12.70 -31.20
CA ALA B 228 11.83 14.12 -31.47
C ALA B 228 12.63 14.96 -30.48
N LYS B 229 13.33 15.97 -31.02
CA LYS B 229 14.03 16.94 -30.18
C LYS B 229 13.06 17.45 -29.08
N PRO B 230 13.43 17.28 -27.80
CA PRO B 230 12.55 17.56 -26.68
C PRO B 230 12.46 19.08 -26.40
N VAL B 231 11.98 19.82 -27.39
CA VAL B 231 11.88 21.28 -27.32
C VAL B 231 10.81 21.72 -26.34
N THR B 232 10.78 23.01 -26.01
CA THR B 232 9.71 23.62 -25.21
C THR B 232 8.41 23.45 -25.96
N GLN B 233 7.43 22.86 -25.28
CA GLN B 233 6.19 22.45 -25.91
C GLN B 233 5.12 22.24 -24.87
N ILE B 234 3.89 22.08 -25.34
CA ILE B 234 2.76 21.71 -24.51
C ILE B 234 2.25 20.33 -24.93
N VAL B 235 2.20 19.39 -23.98
CA VAL B 235 1.63 18.07 -24.20
C VAL B 235 0.25 18.01 -23.54
N SER B 236 -0.72 17.39 -24.22
CA SER B 236 -2.11 17.37 -23.74
C SER B 236 -2.77 16.00 -23.75
N ALA B 237 -3.74 15.80 -22.86
CA ALA B 237 -4.61 14.62 -22.87
C ALA B 237 -6.05 15.05 -22.60
N GLU B 238 -6.98 14.50 -23.36
CA GLU B 238 -8.35 14.98 -23.38
C GLU B 238 -9.28 13.86 -22.92
N ALA B 239 -10.48 14.25 -22.54
CA ALA B 239 -11.49 13.29 -22.14
C ALA B 239 -12.81 13.98 -22.25
N TRP B 240 -13.81 13.28 -22.76
CA TRP B 240 -15.17 13.76 -22.77
C TRP B 240 -15.96 13.04 -21.67
N GLY B 241 -17.09 13.61 -21.27
CA GLY B 241 -17.97 12.97 -20.32
C GLY B 241 -18.58 11.71 -20.90
N ARG B 242 -18.79 10.71 -20.03
CA ARG B 242 -19.40 9.44 -20.43
C ARG B 242 -20.86 9.43 -20.08
N ALA B 243 -21.69 9.47 -21.12
CA ALA B 243 -23.14 9.34 -20.98
C ALA B 243 -23.56 8.29 -19.93
N ASP B 244 -22.75 7.23 -19.77
CA ASP B 244 -23.06 6.08 -18.87
C ASP B 244 -23.98 6.40 -17.69
N ALA C 1 2.21 -26.33 -15.02
CA ALA C 1 2.53 -25.65 -16.32
C ALA C 1 1.86 -26.40 -17.49
N LYS C 2 2.09 -27.70 -17.51
CA LYS C 2 1.65 -28.58 -18.56
C LYS C 2 0.35 -29.28 -18.17
N THR C 3 -0.15 -29.02 -16.95
CA THR C 3 -1.36 -29.68 -16.43
C THR C 3 -2.51 -28.72 -16.22
N THR C 4 -3.73 -29.21 -16.39
CA THR C 4 -4.93 -28.43 -16.06
C THR C 4 -5.88 -29.23 -15.16
N GLN C 5 -6.46 -28.55 -14.18
CA GLN C 5 -7.34 -29.16 -13.19
C GLN C 5 -8.53 -28.26 -12.82
N PRO C 6 -9.65 -28.87 -12.39
CA PRO C 6 -10.72 -28.05 -11.84
C PRO C 6 -10.25 -27.36 -10.57
N THR C 7 -10.65 -26.11 -10.38
CA THR C 7 -10.19 -25.33 -9.25
C THR C 7 -10.72 -25.93 -7.97
N SER C 8 -11.98 -26.37 -7.98
CA SER C 8 -12.55 -27.13 -6.86
C SER C 8 -13.58 -28.12 -7.34
N MET C 9 -13.91 -29.06 -6.46
CA MET C 9 -14.76 -30.20 -6.78
C MET C 9 -15.36 -30.80 -5.52
N ASP C 10 -16.68 -31.02 -5.52
CA ASP C 10 -17.33 -31.79 -4.46
C ASP C 10 -17.29 -33.28 -4.78
N CYS C 11 -17.29 -34.09 -3.72
CA CYS C 11 -17.35 -35.54 -3.85
C CYS C 11 -18.04 -36.19 -2.61
N ALA C 12 -18.77 -37.27 -2.85
CA ALA C 12 -19.56 -37.87 -1.78
C ALA C 12 -18.68 -38.67 -0.83
N GLU C 13 -18.82 -38.37 0.46
CA GLU C 13 -18.36 -39.29 1.49
C GLU C 13 -19.33 -40.46 1.45
N GLY C 14 -18.89 -41.71 1.49
CA GLY C 14 -17.52 -42.15 1.29
C GLY C 14 -17.54 -43.26 0.23
N ARG C 15 -17.69 -42.85 -1.03
CA ARG C 15 -17.35 -43.68 -2.18
C ARG C 15 -15.97 -43.18 -2.65
N ALA C 16 -15.43 -43.79 -3.70
CA ALA C 16 -14.17 -43.33 -4.28
C ALA C 16 -14.36 -41.93 -4.90
N ALA C 17 -13.40 -41.04 -4.65
CA ALA C 17 -13.40 -39.71 -5.28
C ALA C 17 -12.36 -39.72 -6.37
N ASN C 18 -12.76 -39.27 -7.56
CA ASN C 18 -11.89 -39.28 -8.74
C ASN C 18 -11.51 -37.88 -9.15
N LEU C 19 -10.26 -37.51 -8.94
CA LEU C 19 -9.78 -36.17 -9.31
C LEU C 19 -9.13 -36.22 -10.70
N PRO C 20 -9.67 -35.47 -11.66
CA PRO C 20 -9.16 -35.47 -13.02
C PRO C 20 -8.09 -34.43 -13.28
N CYS C 21 -7.18 -34.76 -14.21
CA CYS C 21 -6.12 -33.88 -14.63
C CYS C 21 -5.97 -34.02 -16.13
N ASN C 22 -5.90 -32.87 -16.83
CA ASN C 22 -5.54 -32.84 -18.26
C ASN C 22 -4.08 -32.43 -18.50
N HIS C 23 -3.40 -33.16 -19.38
CA HIS C 23 -2.01 -32.87 -19.77
C HIS C 23 -1.78 -33.36 -21.20
N SER C 24 -2.29 -32.61 -22.17
CA SER C 24 -2.32 -33.08 -23.56
C SER C 24 -0.98 -32.98 -24.30
N THR C 25 -0.02 -32.20 -23.80
CA THR C 25 1.29 -32.11 -24.45
C THR C 25 2.36 -32.85 -23.66
N ILE C 26 1.97 -33.91 -22.95
CA ILE C 26 2.96 -34.67 -22.17
C ILE C 26 3.84 -35.64 -23.02
N SER C 27 5.15 -35.63 -22.74
CA SER C 27 6.10 -36.62 -23.28
C SER C 27 5.77 -37.98 -22.64
N GLY C 28 6.21 -39.11 -23.17
CA GLY C 28 7.53 -39.32 -23.71
C GLY C 28 8.16 -39.91 -22.46
N ASN C 29 8.93 -39.09 -21.75
CA ASN C 29 9.65 -39.51 -20.54
C ASN C 29 9.11 -38.88 -19.26
N GLU C 30 7.99 -38.14 -19.38
CA GLU C 30 7.48 -37.40 -18.25
C GLU C 30 6.49 -38.24 -17.48
N TYR C 31 6.73 -38.34 -16.16
CA TYR C 31 5.79 -39.03 -15.28
C TYR C 31 4.75 -38.02 -14.82
N VAL C 32 3.63 -38.52 -14.32
CA VAL C 32 2.61 -37.70 -13.69
C VAL C 32 2.67 -37.91 -12.20
N TYR C 33 2.51 -36.83 -11.44
CA TYR C 33 2.59 -36.90 -9.99
C TYR C 33 1.44 -36.18 -9.35
N TRP C 34 0.94 -36.73 -8.25
CA TRP C 34 -0.08 -36.05 -7.46
C TRP C 34 0.42 -35.78 -6.06
N TYR C 35 0.24 -34.55 -5.63
CA TYR C 35 0.50 -34.16 -4.25
C TYR C 35 -0.76 -33.60 -3.63
N ARG C 36 -0.79 -33.58 -2.31
CA ARG C 36 -1.92 -33.07 -1.57
C ARG C 36 -1.42 -32.10 -0.50
N GLN C 37 -2.13 -31.00 -0.34
CA GLN C 37 -1.75 -30.00 0.65
C GLN C 37 -2.94 -29.63 1.53
N ILE C 38 -2.75 -29.81 2.84
CA ILE C 38 -3.78 -29.58 3.85
C ILE C 38 -3.36 -28.33 4.60
N HIS C 39 -4.31 -27.47 4.95
CA HIS C 39 -4.01 -26.17 5.57
C HIS C 39 -2.87 -25.49 4.77
N SER C 40 -2.09 -24.63 5.43
CA SER C 40 -0.88 -24.06 4.82
C SER C 40 0.32 -25.04 4.71
N GLN C 41 0.15 -26.28 5.16
CA GLN C 41 1.28 -27.15 5.46
C GLN C 41 2.02 -27.65 4.22
N GLY C 42 3.14 -28.34 4.43
CA GLY C 42 3.92 -28.86 3.33
C GLY C 42 3.02 -29.77 2.51
N PRO C 43 3.09 -29.68 1.18
CA PRO C 43 2.37 -30.66 0.39
C PRO C 43 2.97 -32.07 0.56
N GLN C 44 2.13 -33.05 0.85
CA GLN C 44 2.61 -34.43 0.91
C GLN C 44 2.34 -35.19 -0.39
N TYR C 45 3.35 -35.93 -0.82
CA TYR C 45 3.24 -36.82 -1.98
C TYR C 45 2.12 -37.83 -1.79
N ILE C 46 1.41 -38.13 -2.89
CA ILE C 46 0.45 -39.21 -2.90
C ILE C 46 0.94 -40.38 -3.77
N ILE C 47 1.13 -40.13 -5.05
CA ILE C 47 1.40 -41.20 -5.99
C ILE C 47 1.92 -40.63 -7.31
N HIS C 48 2.57 -41.46 -8.10
CA HIS C 48 2.90 -41.11 -9.49
C HIS C 48 3.04 -42.34 -10.36
N GLY C 49 2.95 -42.13 -11.66
CA GLY C 49 3.97 -42.66 -12.54
C GLY C 49 3.79 -42.37 -14.01
N LEU C 50 4.24 -43.32 -14.83
CA LEU C 50 4.55 -43.07 -16.24
C LEU C 50 3.32 -43.13 -17.18
N LYS C 51 2.86 -44.32 -17.55
CA LYS C 51 1.74 -44.39 -18.50
C LYS C 51 1.15 -45.77 -18.82
N ASN C 52 0.01 -46.18 -18.24
CA ASN C 52 -0.08 -47.05 -17.03
C ASN C 52 -1.21 -46.85 -16.03
N ASN C 53 -1.25 -47.74 -15.04
CA ASN C 53 -1.93 -47.48 -13.79
C ASN C 53 -1.05 -47.91 -12.60
N GLU C 54 -1.25 -47.31 -11.43
CA GLU C 54 -0.44 -47.60 -10.24
C GLU C 54 -1.29 -47.45 -8.98
N THR C 55 -0.80 -48.01 -7.87
CA THR C 55 -1.53 -48.12 -6.62
C THR C 55 -0.59 -48.16 -5.41
N ASN C 56 -1.06 -47.66 -4.28
CA ASN C 56 -0.38 -47.79 -2.99
C ASN C 56 -1.44 -47.65 -1.90
N GLU C 57 -1.02 -47.73 -0.63
CA GLU C 57 -1.95 -47.65 0.52
C GLU C 57 -2.82 -46.39 0.49
N MET C 58 -2.29 -45.33 -0.09
CA MET C 58 -2.94 -44.04 0.00
C MET C 58 -3.92 -43.75 -1.13
N ALA C 59 -3.78 -44.43 -2.28
CA ALA C 59 -4.52 -44.06 -3.50
C ALA C 59 -4.19 -44.92 -4.72
N SER C 60 -4.91 -44.65 -5.81
CA SER C 60 -4.66 -45.28 -7.10
C SER C 60 -4.52 -44.19 -8.17
N LEU C 61 -3.83 -44.51 -9.25
CA LEU C 61 -3.60 -43.57 -10.35
C LEU C 61 -3.77 -44.27 -11.70
N ILE C 62 -4.74 -43.80 -12.50
CA ILE C 62 -4.93 -44.31 -13.86
C ILE C 62 -4.56 -43.20 -14.85
N ILE C 63 -3.77 -43.57 -15.86
CA ILE C 63 -3.32 -42.65 -16.91
C ILE C 63 -3.74 -43.27 -18.24
N THR C 64 -4.36 -42.46 -19.10
CA THR C 64 -4.94 -42.97 -20.34
C THR C 64 -3.87 -43.45 -21.32
N GLU C 65 -4.31 -44.12 -22.37
CA GLU C 65 -3.43 -44.61 -23.43
C GLU C 65 -2.95 -43.41 -24.25
N ASP C 66 -3.87 -42.48 -24.50
CA ASP C 66 -3.54 -41.12 -24.95
C ASP C 66 -2.28 -40.57 -24.31
N ARG C 67 -2.14 -40.79 -23.00
CA ARG C 67 -1.22 -40.05 -22.12
C ARG C 67 -1.79 -38.68 -21.77
N LYS C 68 -2.88 -38.28 -22.42
CA LYS C 68 -3.33 -36.89 -22.43
C LYS C 68 -4.19 -36.49 -21.21
N SER C 69 -4.54 -37.47 -20.40
CA SER C 69 -5.30 -37.21 -19.19
C SER C 69 -4.99 -38.30 -18.18
N SER C 70 -5.27 -37.99 -16.92
CA SER C 70 -5.07 -38.96 -15.84
C SER C 70 -6.14 -38.78 -14.77
N THR C 71 -6.29 -39.79 -13.92
CA THR C 71 -7.25 -39.76 -12.83
C THR C 71 -6.62 -40.26 -11.53
N LEU C 72 -6.76 -39.48 -10.46
CA LEU C 72 -6.39 -39.91 -9.13
C LEU C 72 -7.63 -40.46 -8.43
N ILE C 73 -7.52 -41.66 -7.86
CA ILE C 73 -8.62 -42.31 -7.16
C ILE C 73 -8.31 -42.45 -5.65
N LEU C 74 -9.08 -41.74 -4.82
CA LEU C 74 -9.05 -41.91 -3.37
C LEU C 74 -10.24 -42.83 -3.00
N PRO C 75 -9.96 -44.10 -2.65
CA PRO C 75 -10.95 -45.19 -2.67
C PRO C 75 -12.15 -45.12 -1.71
N HIS C 76 -11.96 -44.51 -0.54
CA HIS C 76 -13.06 -44.29 0.42
C HIS C 76 -12.88 -42.90 1.02
N ALA C 77 -13.50 -41.90 0.42
CA ALA C 77 -13.27 -40.51 0.82
C ALA C 77 -13.91 -40.20 2.17
N THR C 78 -13.09 -39.76 3.12
CA THR C 78 -13.56 -39.30 4.41
C THR C 78 -13.32 -37.81 4.52
N LEU C 79 -13.83 -37.21 5.58
CA LEU C 79 -13.65 -35.77 5.79
C LEU C 79 -12.17 -35.41 5.81
N ARG C 80 -11.31 -36.30 6.31
CA ARG C 80 -9.87 -36.05 6.39
C ARG C 80 -9.22 -35.91 5.02
N ASP C 81 -9.90 -36.40 3.98
CA ASP C 81 -9.39 -36.31 2.60
C ASP C 81 -9.63 -34.97 1.92
N THR C 82 -10.31 -34.02 2.56
CA THR C 82 -10.62 -32.75 1.88
C THR C 82 -9.42 -31.82 1.99
N ALA C 83 -8.91 -31.41 0.83
CA ALA C 83 -7.63 -30.71 0.77
C ALA C 83 -7.41 -30.20 -0.63
N VAL C 84 -6.28 -29.55 -0.86
CA VAL C 84 -5.89 -29.19 -2.23
C VAL C 84 -5.02 -30.31 -2.82
N TYR C 85 -5.33 -30.71 -4.05
CA TYR C 85 -4.62 -31.77 -4.75
C TYR C 85 -3.97 -31.16 -5.97
N TYR C 86 -2.64 -31.29 -6.08
CA TYR C 86 -1.89 -30.81 -7.24
C TYR C 86 -1.50 -31.99 -8.10
N CYS C 87 -1.75 -31.86 -9.41
CA CYS C 87 -1.31 -32.82 -10.42
C CYS C 87 -0.19 -32.14 -11.17
N ILE C 88 1.00 -32.71 -11.13
CA ILE C 88 2.18 -32.13 -11.79
C ILE C 88 2.82 -33.14 -12.72
N VAL C 89 3.57 -32.65 -13.72
CA VAL C 89 4.31 -33.54 -14.62
C VAL C 89 5.81 -33.19 -14.70
N TRP C 90 6.63 -34.21 -14.61
CA TRP C 90 8.08 -34.02 -14.57
C TRP C 90 8.76 -35.19 -15.25
N GLY C 91 9.81 -34.91 -16.01
CA GLY C 91 10.56 -35.94 -16.73
C GLY C 91 12.03 -35.91 -16.43
N GLY C 92 12.43 -35.08 -15.47
CA GLY C 92 13.81 -35.08 -15.02
C GLY C 92 14.51 -33.77 -15.31
N TYR C 93 15.59 -33.55 -14.57
CA TYR C 93 16.57 -32.49 -14.79
C TYR C 93 16.06 -31.08 -14.63
N GLN C 94 14.95 -30.76 -15.27
CA GLN C 94 14.35 -29.45 -15.13
C GLN C 94 13.75 -29.27 -13.72
N LYS C 95 13.33 -28.05 -13.42
CA LYS C 95 12.57 -27.77 -12.20
C LYS C 95 11.22 -28.45 -12.30
N VAL C 96 10.49 -28.49 -11.17
CA VAL C 96 9.08 -28.89 -11.16
C VAL C 96 8.26 -27.63 -10.89
N THR C 97 7.10 -27.55 -11.53
CA THR C 97 6.23 -26.39 -11.44
C THR C 97 4.84 -26.81 -11.01
N PHE C 98 4.26 -26.06 -10.08
CA PHE C 98 2.92 -26.36 -9.58
C PHE C 98 1.92 -25.38 -10.19
N GLY C 99 0.74 -25.87 -10.57
CA GLY C 99 -0.41 -24.98 -10.80
C GLY C 99 -1.19 -25.18 -9.53
N THR C 100 -2.50 -25.34 -9.59
CA THR C 100 -3.43 -24.33 -9.14
C THR C 100 -4.06 -25.18 -8.02
N GLY C 101 -4.36 -26.43 -8.39
CA GLY C 101 -4.82 -27.44 -7.48
C GLY C 101 -6.26 -27.73 -7.76
N THR C 102 -6.76 -28.85 -7.24
CA THR C 102 -8.19 -29.03 -7.04
C THR C 102 -8.43 -29.01 -5.55
N LYS C 103 -9.22 -28.05 -5.10
CA LYS C 103 -9.78 -28.08 -3.75
C LYS C 103 -10.89 -29.12 -3.70
N LEU C 104 -10.64 -30.25 -3.07
CA LEU C 104 -11.62 -31.32 -2.94
C LEU C 104 -12.47 -31.14 -1.67
N GLN C 105 -13.77 -30.88 -1.82
CA GLN C 105 -14.69 -30.90 -0.68
C GLN C 105 -15.29 -32.30 -0.61
N VAL C 106 -15.14 -32.97 0.53
CA VAL C 106 -15.82 -34.25 0.73
C VAL C 106 -17.11 -33.92 1.41
N ILE C 107 -18.23 -34.29 0.77
CA ILE C 107 -19.56 -33.98 1.29
C ILE C 107 -20.24 -35.21 1.91
N PRO C 108 -20.63 -35.11 3.19
CA PRO C 108 -21.44 -36.11 3.87
C PRO C 108 -22.92 -35.93 3.57
N ILE C 109 -23.68 -37.02 3.75
CA ILE C 109 -25.15 -36.96 3.69
C ILE C 109 -25.73 -36.92 5.14
N GLN C 110 -26.70 -36.03 5.36
CA GLN C 110 -27.41 -35.93 6.65
C GLN C 110 -28.84 -36.47 6.61
N ASN C 111 -29.39 -36.72 7.82
CA ASN C 111 -30.84 -36.87 8.06
CA ASN C 111 -30.83 -36.85 8.03
C ASN C 111 -31.24 -35.70 9.01
N PRO C 112 -31.62 -34.53 8.43
CA PRO C 112 -31.40 -33.22 9.10
C PRO C 112 -32.27 -32.74 10.25
N ASP C 113 -31.72 -31.82 11.04
CA ASP C 113 -32.46 -31.16 12.14
C ASP C 113 -31.98 -29.72 12.42
N PRO C 114 -32.17 -28.81 11.44
CA PRO C 114 -31.54 -27.48 11.51
C PRO C 114 -31.99 -26.59 12.68
N ALA C 115 -31.03 -26.03 13.38
CA ALA C 115 -31.33 -25.10 14.46
C ALA C 115 -30.26 -24.01 14.65
N VAL C 116 -30.66 -22.87 15.21
CA VAL C 116 -29.74 -21.79 15.57
C VAL C 116 -29.78 -21.56 17.09
N TYR C 117 -28.68 -21.91 17.77
CA TYR C 117 -28.62 -21.85 19.23
C TYR C 117 -27.73 -20.74 19.72
N GLN C 118 -27.97 -20.26 20.93
CA GLN C 118 -27.09 -19.29 21.56
C GLN C 118 -26.19 -20.00 22.57
N LEU C 119 -24.88 -19.72 22.51
CA LEU C 119 -23.92 -20.24 23.49
C LEU C 119 -23.33 -19.09 24.29
N ARG C 120 -23.18 -19.28 25.59
CA ARG C 120 -22.64 -18.26 26.46
C ARG C 120 -21.17 -18.53 26.79
N ASP C 121 -20.40 -17.45 26.96
CA ASP C 121 -19.00 -17.57 27.35
C ASP C 121 -18.90 -18.20 28.73
N SER C 122 -17.80 -18.92 28.91
CA SER C 122 -17.52 -19.61 30.15
C SER C 122 -17.15 -18.68 31.33
N LYS C 123 -16.47 -17.54 31.09
CA LYS C 123 -15.91 -16.73 32.21
C LYS C 123 -17.00 -16.12 33.14
N SER C 124 -17.94 -15.28 32.67
CA SER C 124 -17.73 -14.09 31.81
C SER C 124 -18.90 -13.08 32.02
N SER C 125 -20.12 -13.28 31.48
CA SER C 125 -20.54 -14.38 30.57
C SER C 125 -21.62 -13.85 29.62
N ASP C 126 -21.23 -12.97 28.68
CA ASP C 126 -22.19 -12.31 27.76
C ASP C 126 -21.66 -11.07 26.94
N LYS C 127 -20.78 -11.19 25.94
CA LYS C 127 -20.10 -12.39 25.46
C LYS C 127 -20.96 -13.65 25.20
N SER C 128 -21.41 -13.78 23.95
CA SER C 128 -22.13 -14.97 23.47
C SER C 128 -21.89 -15.19 21.96
N VAL C 129 -22.32 -16.35 21.46
CA VAL C 129 -22.17 -16.70 20.05
C VAL C 129 -23.40 -17.45 19.55
N CYS C 130 -23.65 -17.40 18.25
CA CYS C 130 -24.80 -18.06 17.64
C CYS C 130 -24.33 -19.22 16.81
N LEU C 131 -24.93 -20.38 17.03
CA LEU C 131 -24.54 -21.61 16.35
C LEU C 131 -25.65 -22.10 15.45
N PHE C 132 -25.39 -22.10 14.15
CA PHE C 132 -26.32 -22.67 13.16
C PHE C 132 -25.79 -24.05 12.87
N THR C 133 -26.59 -25.08 13.15
CA THR C 133 -26.08 -26.44 13.08
C THR C 133 -27.14 -27.43 12.63
N ASP C 134 -26.69 -28.64 12.31
CA ASP C 134 -27.53 -29.78 11.95
C ASP C 134 -28.35 -29.60 10.67
N PHE C 135 -27.89 -28.71 9.80
CA PHE C 135 -28.51 -28.51 8.49
C PHE C 135 -27.93 -29.47 7.46
N ASP C 136 -28.73 -29.77 6.43
CA ASP C 136 -28.31 -30.68 5.37
C ASP C 136 -27.29 -30.00 4.45
N SER C 137 -26.50 -30.80 3.76
CA SER C 137 -25.32 -30.30 3.07
C SER C 137 -25.62 -29.51 1.79
N GLN C 138 -26.88 -29.45 1.38
CA GLN C 138 -27.29 -28.57 0.29
C GLN C 138 -27.39 -27.11 0.76
N THR C 139 -27.56 -26.90 2.05
CA THR C 139 -27.68 -25.56 2.62
C THR C 139 -26.32 -24.84 2.64
N ASN C 140 -26.29 -23.60 2.17
CA ASN C 140 -25.07 -22.79 2.22
C ASN C 140 -25.18 -21.54 3.10
N VAL C 141 -24.17 -21.36 3.95
CA VAL C 141 -24.14 -20.23 4.86
C VAL C 141 -23.41 -19.11 4.16
N SER C 142 -24.02 -17.93 4.12
CA SER C 142 -23.43 -16.81 3.41
C SER C 142 -22.55 -15.95 4.32
N GLN C 143 -21.66 -15.18 3.71
CA GLN C 143 -20.84 -14.23 4.44
C GLN C 143 -21.67 -12.98 4.73
N SER C 144 -21.65 -12.53 5.98
CA SER C 144 -22.40 -11.32 6.36
C SER C 144 -21.83 -10.10 5.68
N LYS C 145 -22.70 -9.30 5.03
CA LYS C 145 -22.26 -8.04 4.46
C LYS C 145 -22.29 -6.89 5.49
N ASP C 146 -22.90 -7.15 6.65
CA ASP C 146 -22.69 -6.28 7.82
C ASP C 146 -21.27 -6.58 8.36
N SER C 147 -20.37 -5.61 8.28
CA SER C 147 -18.94 -5.83 8.59
C SER C 147 -18.64 -6.09 10.06
N ASP C 148 -19.43 -5.48 10.94
CA ASP C 148 -19.35 -5.73 12.39
C ASP C 148 -19.80 -7.15 12.77
N VAL C 149 -20.67 -7.75 11.97
CA VAL C 149 -21.13 -9.13 12.19
C VAL C 149 -20.15 -10.09 11.54
N TYR C 150 -19.79 -11.16 12.25
CA TYR C 150 -18.89 -12.16 11.68
C TYR C 150 -19.58 -13.52 11.59
N ILE C 151 -19.67 -14.06 10.37
CA ILE C 151 -20.22 -15.39 10.11
C ILE C 151 -19.11 -16.22 9.52
N THR C 152 -18.90 -17.41 10.07
CA THR C 152 -17.87 -18.32 9.59
C THR C 152 -18.39 -19.14 8.42
N ASP C 153 -17.46 -19.77 7.70
CA ASP C 153 -17.81 -20.70 6.65
C ASP C 153 -18.28 -21.99 7.33
N LYS C 154 -19.03 -22.82 6.60
CA LYS C 154 -19.65 -24.01 7.20
C LYS C 154 -18.59 -25.06 7.44
N CYS C 155 -18.82 -25.93 8.41
CA CYS C 155 -17.77 -26.82 8.92
C CYS C 155 -18.38 -28.15 9.32
N VAL C 156 -17.82 -29.24 8.81
CA VAL C 156 -18.37 -30.58 9.09
C VAL C 156 -17.59 -31.30 10.20
N LEU C 157 -18.26 -31.71 11.28
CA LEU C 157 -17.59 -32.53 12.32
C LEU C 157 -18.12 -33.95 12.29
N ASP C 158 -17.28 -34.90 12.69
CA ASP C 158 -17.65 -36.32 12.76
C ASP C 158 -17.46 -36.87 14.16
N MET C 159 -18.56 -37.14 14.84
CA MET C 159 -18.52 -37.82 16.11
C MET C 159 -18.34 -39.29 15.76
N ARG C 160 -17.08 -39.70 15.69
CA ARG C 160 -16.72 -41.04 15.22
C ARG C 160 -17.25 -42.10 16.18
N SER C 161 -17.38 -41.72 17.45
CA SER C 161 -17.93 -42.58 18.51
C SER C 161 -19.33 -43.13 18.19
N MET C 162 -20.17 -42.25 17.63
CA MET C 162 -21.59 -42.54 17.39
C MET C 162 -21.93 -42.62 15.90
N ASP C 163 -20.90 -42.53 15.04
CA ASP C 163 -21.08 -42.56 13.58
C ASP C 163 -22.09 -41.50 13.11
N PHE C 164 -21.75 -40.25 13.34
CA PHE C 164 -22.68 -39.13 13.21
C PHE C 164 -21.92 -37.90 12.72
N LYS C 165 -22.36 -37.34 11.59
CA LYS C 165 -21.74 -36.14 11.03
C LYS C 165 -22.70 -34.98 11.20
N SER C 166 -22.14 -33.79 11.37
CA SER C 166 -22.99 -32.61 11.41
C SER C 166 -22.27 -31.39 10.90
N ASN C 167 -23.04 -30.52 10.25
CA ASN C 167 -22.56 -29.27 9.69
C ASN C 167 -22.89 -28.12 10.65
N SER C 168 -22.09 -27.08 10.60
CA SER C 168 -22.29 -25.93 11.47
C SER C 168 -21.54 -24.70 10.95
N ALA C 169 -22.18 -23.54 11.07
CA ALA C 169 -21.51 -22.25 10.96
C ALA C 169 -21.69 -21.53 12.27
N VAL C 170 -20.84 -20.53 12.51
CA VAL C 170 -20.89 -19.76 13.75
C VAL C 170 -20.93 -18.29 13.42
N ALA C 171 -21.77 -17.55 14.15
CA ALA C 171 -21.90 -16.10 13.98
C ALA C 171 -21.72 -15.36 15.32
N TRP C 172 -21.09 -14.19 15.29
CA TRP C 172 -21.04 -13.33 16.48
C TRP C 172 -20.89 -11.86 16.09
N SER C 173 -21.10 -10.98 17.08
CA SER C 173 -20.95 -9.54 16.89
C SER C 173 -20.94 -8.81 18.24
N ASN C 174 -20.63 -7.51 18.20
CA ASN C 174 -20.73 -6.65 19.39
C ASN C 174 -21.95 -5.72 19.38
N LYS C 175 -22.61 -5.57 18.22
CA LYS C 175 -23.78 -4.67 18.08
C LYS C 175 -24.86 -4.98 19.12
N SER C 176 -25.67 -3.97 19.43
CA SER C 176 -26.75 -4.13 20.39
C SER C 176 -27.94 -4.85 19.76
N ASP C 177 -28.02 -4.83 18.44
CA ASP C 177 -29.17 -5.35 17.73
C ASP C 177 -28.84 -6.65 17.00
N PHE C 178 -27.58 -7.07 17.11
CA PHE C 178 -27.21 -8.46 16.81
C PHE C 178 -27.88 -9.43 17.77
N ALA C 179 -28.64 -10.37 17.23
CA ALA C 179 -29.15 -11.49 18.01
C ALA C 179 -29.15 -12.72 17.13
N CYS C 180 -29.43 -13.89 17.72
CA CYS C 180 -29.41 -15.13 16.97
C CYS C 180 -30.59 -15.29 16.04
N ALA C 181 -31.73 -14.71 16.41
CA ALA C 181 -32.91 -14.71 15.55
C ALA C 181 -32.59 -14.14 14.17
N ASN C 182 -31.70 -13.15 14.14
CA ASN C 182 -31.34 -12.46 12.89
C ASN C 182 -29.89 -12.67 12.48
N ALA C 183 -29.14 -13.40 13.30
CA ALA C 183 -27.72 -13.57 13.09
C ALA C 183 -27.40 -14.06 11.68
N PHE C 184 -28.26 -14.92 11.13
CA PHE C 184 -28.09 -15.41 9.76
C PHE C 184 -29.15 -14.84 8.80
N ASN C 185 -29.58 -13.60 9.07
CA ASN C 185 -30.52 -12.89 8.19
C ASN C 185 -30.02 -12.66 6.78
N ASN C 186 -28.75 -12.98 6.55
CA ASN C 186 -28.15 -12.80 5.25
C ASN C 186 -27.92 -14.14 4.50
N SER C 187 -28.23 -15.27 5.13
CA SER C 187 -28.25 -16.58 4.45
C SER C 187 -29.68 -17.03 4.14
N ILE C 188 -29.81 -18.11 3.38
CA ILE C 188 -31.12 -18.70 3.08
C ILE C 188 -31.24 -20.04 3.83
N ILE C 189 -31.46 -19.94 5.14
CA ILE C 189 -31.70 -21.11 5.99
C ILE C 189 -33.04 -21.76 5.62
N PRO C 190 -33.18 -23.06 5.87
CA PRO C 190 -34.38 -23.76 5.44
C PRO C 190 -35.57 -23.39 6.28
N GLU C 191 -36.75 -23.60 5.74
CA GLU C 191 -38.00 -23.13 6.34
C GLU C 191 -38.22 -23.74 7.72
N ASP C 192 -37.81 -25.01 7.91
CA ASP C 192 -38.08 -25.76 9.15
C ASP C 192 -37.06 -25.52 10.30
N THR C 193 -36.17 -24.53 10.14
CA THR C 193 -35.12 -24.27 11.15
C THR C 193 -35.69 -24.01 12.55
N PHE C 194 -35.09 -24.67 13.54
CA PHE C 194 -35.53 -24.57 14.94
C PHE C 194 -34.84 -23.36 15.59
N PHE C 195 -35.65 -22.43 16.07
CA PHE C 195 -35.17 -21.29 16.81
C PHE C 195 -35.79 -21.39 18.19
N PRO C 196 -35.04 -21.89 19.21
CA PRO C 196 -35.53 -21.87 20.61
C PRO C 196 -36.23 -20.53 20.81
N SER C 197 -37.21 -20.39 21.68
CA SER C 197 -37.07 -19.54 22.83
C SER C 197 -37.77 -19.92 24.09
N PRO C 198 -37.00 -20.34 25.08
CA PRO C 198 -37.30 -20.03 26.49
C PRO C 198 -36.77 -18.62 26.81
N THR D 1 8.70 -37.72 6.74
CA THR D 1 8.45 -36.31 6.34
C THR D 1 9.38 -35.94 5.16
N GLY D 2 10.70 -36.23 5.21
CA GLY D 2 11.57 -36.24 6.41
C GLY D 2 12.62 -35.11 6.25
N VAL D 3 12.28 -34.08 5.44
CA VAL D 3 13.12 -32.89 5.27
C VAL D 3 12.73 -31.86 6.32
N SER D 4 13.69 -31.05 6.79
CA SER D 4 13.45 -30.09 7.88
C SER D 4 13.81 -28.66 7.52
N GLN D 5 13.16 -27.71 8.18
CA GLN D 5 13.38 -26.29 7.91
C GLN D 5 13.46 -25.46 9.19
N ASN D 6 14.27 -24.41 9.18
CA ASN D 6 14.51 -23.58 10.36
C ASN D 6 14.59 -22.12 9.98
N PRO D 7 13.81 -21.27 10.63
CA PRO D 7 12.80 -21.62 11.64
C PRO D 7 11.49 -22.04 10.97
N ARG D 8 10.48 -22.32 11.79
CA ARG D 8 9.12 -22.58 11.29
C ARG D 8 8.43 -21.29 10.85
N HIS D 9 8.82 -20.17 11.45
CA HIS D 9 8.20 -18.88 11.18
C HIS D 9 9.14 -17.76 11.56
N LYS D 10 8.88 -16.58 11.06
CA LYS D 10 9.71 -15.41 11.38
C LYS D 10 8.93 -14.16 11.02
N ILE D 11 8.86 -13.21 11.96
CA ILE D 11 8.23 -11.90 11.74
C ILE D 11 9.29 -10.79 11.81
N THR D 12 9.52 -10.08 10.70
CA THR D 12 10.46 -8.96 10.66
C THR D 12 9.78 -7.63 10.41
N LYS D 13 10.50 -6.55 10.72
CA LYS D 13 10.20 -5.19 10.24
C LYS D 13 10.79 -5.02 8.82
N ARG D 14 10.42 -3.96 8.09
CA ARG D 14 10.82 -3.78 6.67
C ARG D 14 12.32 -3.87 6.34
N GLY D 15 13.14 -3.08 7.03
CA GLY D 15 14.57 -3.04 6.72
C GLY D 15 15.29 -4.39 6.74
N GLN D 16 14.88 -5.28 7.64
CA GLN D 16 15.77 -6.34 8.15
C GLN D 16 16.14 -7.41 7.14
N ASN D 17 17.28 -8.04 7.40
CA ASN D 17 17.68 -9.27 6.71
C ASN D 17 17.11 -10.47 7.45
N VAL D 18 16.99 -11.58 6.74
CA VAL D 18 16.42 -12.80 7.30
C VAL D 18 17.10 -13.94 6.58
N THR D 19 17.29 -15.06 7.27
CA THR D 19 17.93 -16.24 6.68
C THR D 19 17.22 -17.52 7.14
N PHE D 20 16.86 -18.34 6.18
CA PHE D 20 16.22 -19.61 6.48
C PHE D 20 17.18 -20.74 6.15
N ARG D 21 16.96 -21.87 6.80
CA ARG D 21 17.71 -23.09 6.51
C ARG D 21 16.77 -24.24 6.17
N CYS D 22 17.23 -25.10 5.26
CA CYS D 22 16.51 -26.31 4.88
C CYS D 22 17.45 -27.49 4.92
N ASP D 23 17.06 -28.56 5.60
CA ASP D 23 17.88 -29.78 5.66
C ASP D 23 17.22 -30.92 4.89
N PRO D 24 17.85 -31.36 3.79
CA PRO D 24 17.28 -32.40 2.99
C PRO D 24 17.42 -33.76 3.63
N ILE D 25 16.73 -34.74 3.04
CA ILE D 25 16.87 -36.12 3.43
C ILE D 25 18.28 -36.58 3.02
N SER D 26 18.93 -37.34 3.90
CA SER D 26 20.32 -37.74 3.69
C SER D 26 20.61 -38.18 2.25
N GLU D 27 21.66 -37.59 1.66
CA GLU D 27 22.17 -37.93 0.33
C GLU D 27 21.27 -37.55 -0.85
N HIS D 28 20.22 -36.75 -0.60
CA HIS D 28 19.32 -36.31 -1.68
C HIS D 28 20.06 -35.29 -2.52
N ASN D 29 20.48 -35.75 -3.69
CA ASN D 29 20.96 -34.94 -4.80
C ASN D 29 20.39 -33.56 -5.01
N ARG D 30 19.07 -33.45 -4.87
CA ARG D 30 18.34 -32.30 -5.38
C ARG D 30 17.64 -31.56 -4.27
N LEU D 31 17.64 -30.23 -4.36
CA LEU D 31 16.94 -29.43 -3.39
C LEU D 31 16.20 -28.32 -4.11
N TYR D 32 14.93 -28.14 -3.76
CA TYR D 32 14.09 -27.13 -4.40
C TYR D 32 13.61 -26.13 -3.37
N TRP D 33 13.40 -24.89 -3.80
CA TRP D 33 12.77 -23.86 -2.99
C TRP D 33 11.55 -23.32 -3.72
N TYR D 34 10.43 -23.25 -3.00
CA TYR D 34 9.22 -22.59 -3.49
C TYR D 34 8.76 -21.52 -2.48
N ARG D 35 7.97 -20.55 -2.93
CA ARG D 35 7.23 -19.68 -2.01
C ARG D 35 5.74 -19.82 -2.29
N GLN D 36 4.93 -19.62 -1.26
CA GLN D 36 3.49 -19.81 -1.39
C GLN D 36 2.69 -18.81 -0.57
N THR D 37 1.65 -18.25 -1.18
CA THR D 37 0.72 -17.35 -0.49
C THR D 37 -0.65 -17.99 -0.44
N LEU D 38 -1.48 -17.49 0.48
CA LEU D 38 -2.77 -18.13 0.81
C LEU D 38 -3.64 -18.31 -0.42
N GLY D 39 -4.07 -19.54 -0.67
CA GLY D 39 -4.99 -19.85 -1.77
C GLY D 39 -4.33 -20.07 -3.12
N GLN D 40 -3.00 -20.06 -3.14
CA GLN D 40 -2.27 -20.24 -4.39
C GLN D 40 -1.33 -21.42 -4.26
N GLY D 41 -0.89 -21.94 -5.40
CA GLY D 41 0.05 -23.05 -5.41
C GLY D 41 1.49 -22.58 -5.23
N PRO D 42 2.40 -23.50 -4.91
CA PRO D 42 3.78 -23.06 -4.74
C PRO D 42 4.35 -22.43 -6.02
N GLU D 43 5.11 -21.37 -5.84
CA GLU D 43 5.72 -20.63 -6.94
C GLU D 43 7.22 -20.95 -6.90
N PHE D 44 7.76 -21.43 -8.01
CA PHE D 44 9.14 -21.88 -8.06
C PHE D 44 10.08 -20.70 -7.84
N LEU D 45 11.07 -20.87 -6.96
CA LEU D 45 12.07 -19.82 -6.71
C LEU D 45 13.41 -20.23 -7.35
N THR D 46 13.96 -21.36 -6.91
CA THR D 46 15.26 -21.88 -7.40
C THR D 46 15.42 -23.35 -7.04
N TYR D 47 16.32 -24.05 -7.75
CA TYR D 47 16.70 -25.42 -7.37
C TYR D 47 18.16 -25.77 -7.61
N PHE D 48 18.62 -26.78 -6.88
CA PHE D 48 20.01 -27.20 -6.91
C PHE D 48 20.15 -28.63 -7.41
N GLN D 49 21.26 -28.88 -8.09
CA GLN D 49 21.71 -30.22 -8.41
C GLN D 49 23.11 -30.30 -7.80
N ASN D 50 23.28 -31.18 -6.80
CA ASN D 50 24.48 -31.22 -5.96
C ASN D 50 24.67 -29.83 -5.37
N GLU D 51 25.86 -29.24 -5.47
CA GLU D 51 26.09 -27.84 -5.03
C GLU D 51 25.68 -26.78 -6.07
N ALA D 52 25.25 -27.20 -7.26
CA ALA D 52 25.07 -26.28 -8.39
C ALA D 52 23.65 -25.74 -8.51
N GLN D 53 23.55 -24.40 -8.46
CA GLN D 53 22.29 -23.69 -8.59
C GLN D 53 21.95 -23.56 -10.07
N LEU D 54 21.02 -24.39 -10.53
CA LEU D 54 20.75 -24.60 -11.98
C LEU D 54 19.81 -23.58 -12.60
N GLU D 55 18.95 -22.98 -11.80
CA GLU D 55 17.90 -22.11 -12.33
C GLU D 55 17.37 -21.31 -11.16
N LYS D 56 17.27 -20.00 -11.34
CA LYS D 56 16.56 -19.16 -10.39
C LYS D 56 15.49 -18.42 -11.16
N SER D 57 14.28 -18.34 -10.61
CA SER D 57 13.17 -17.77 -11.36
C SER D 57 13.30 -16.24 -11.45
N ARG D 58 12.84 -15.68 -12.56
CA ARG D 58 12.80 -14.22 -12.71
C ARG D 58 11.95 -13.58 -11.62
N LEU D 59 11.35 -14.41 -10.75
CA LEU D 59 10.78 -13.96 -9.46
C LEU D 59 11.94 -13.40 -8.61
N LEU D 60 12.57 -14.25 -7.77
CA LEU D 60 13.79 -13.89 -7.00
C LEU D 60 14.49 -12.63 -7.48
N SER D 61 14.40 -11.57 -6.68
CA SER D 61 15.22 -10.36 -6.86
C SER D 61 16.68 -10.68 -6.50
N ASP D 62 17.55 -9.69 -6.63
CA ASP D 62 18.93 -9.82 -6.17
C ASP D 62 19.01 -9.86 -4.64
N ARG D 63 17.93 -9.43 -4.00
CA ARG D 63 17.82 -9.43 -2.55
C ARG D 63 17.72 -10.85 -2.01
N PHE D 64 17.31 -11.79 -2.86
CA PHE D 64 17.27 -13.21 -2.50
C PHE D 64 18.56 -13.87 -2.94
N SER D 65 19.11 -14.74 -2.09
CA SER D 65 20.28 -15.54 -2.46
C SER D 65 20.26 -16.87 -1.73
N ALA D 66 20.33 -17.95 -2.49
CA ALA D 66 20.18 -19.29 -1.99
C ALA D 66 21.50 -19.99 -2.16
N GLU D 67 22.05 -20.48 -1.07
CA GLU D 67 23.33 -21.17 -1.11
C GLU D 67 23.12 -22.64 -0.72
N ARG D 68 24.09 -23.48 -1.11
CA ARG D 68 24.09 -24.90 -0.76
C ARG D 68 25.52 -25.41 -0.90
N PRO D 69 26.38 -25.01 0.04
CA PRO D 69 27.81 -25.14 -0.13
C PRO D 69 28.39 -26.56 -0.08
N LYS D 70 27.60 -27.54 0.37
CA LYS D 70 28.09 -28.92 0.41
C LYS D 70 27.13 -29.89 -0.29
N GLY D 71 26.37 -29.39 -1.26
CA GLY D 71 25.30 -30.17 -1.84
C GLY D 71 24.43 -30.90 -0.83
N SER D 72 24.30 -30.32 0.36
CA SER D 72 23.55 -30.91 1.47
C SER D 72 22.50 -29.89 1.91
N PHE D 73 22.62 -29.33 3.12
CA PHE D 73 21.73 -28.26 3.57
C PHE D 73 21.77 -27.05 2.64
N SER D 74 20.68 -26.28 2.61
CA SER D 74 20.59 -25.06 1.81
C SER D 74 20.07 -23.89 2.66
N THR D 75 20.70 -22.72 2.52
CA THR D 75 20.20 -21.49 3.14
C THR D 75 19.62 -20.57 2.07
N LEU D 76 18.54 -19.87 2.43
CA LEU D 76 17.95 -18.81 1.63
C LEU D 76 18.07 -17.54 2.45
N GLU D 77 18.76 -16.55 1.89
CA GLU D 77 18.91 -15.23 2.52
C GLU D 77 18.04 -14.24 1.75
N ILE D 78 17.15 -13.54 2.46
CA ILE D 78 16.43 -12.40 1.88
C ILE D 78 16.96 -11.15 2.55
N GLN D 79 17.48 -10.23 1.75
CA GLN D 79 18.00 -8.98 2.27
C GLN D 79 16.94 -7.89 2.15
N ARG D 80 17.10 -6.82 2.95
CA ARG D 80 16.18 -5.67 2.99
C ARG D 80 14.73 -6.06 2.71
N THR D 81 14.17 -6.87 3.60
CA THR D 81 12.84 -7.47 3.43
C THR D 81 11.73 -6.49 3.06
N GLU D 82 10.77 -6.97 2.27
CA GLU D 82 9.62 -6.16 1.85
C GLU D 82 8.30 -6.86 2.17
N GLN D 83 7.28 -6.07 2.49
CA GLN D 83 5.94 -6.58 2.76
C GLN D 83 5.57 -7.69 1.78
N GLY D 84 5.85 -7.46 0.49
CA GLY D 84 5.52 -8.43 -0.56
C GLY D 84 6.32 -9.73 -0.57
N ASP D 85 7.29 -9.88 0.33
CA ASP D 85 7.98 -11.16 0.54
C ASP D 85 7.19 -12.11 1.45
N SER D 86 6.20 -11.57 2.14
CA SER D 86 5.48 -12.34 3.14
C SER D 86 4.83 -13.53 2.48
N ALA D 87 5.25 -14.70 2.93
CA ALA D 87 4.89 -15.96 2.27
C ALA D 87 5.46 -17.16 3.02
N MET D 88 4.95 -18.34 2.69
CA MET D 88 5.45 -19.61 3.20
C MET D 88 6.52 -20.08 2.24
N TYR D 89 7.76 -20.19 2.71
CA TYR D 89 8.86 -20.60 1.86
C TYR D 89 9.09 -22.11 2.06
N LEU D 90 8.89 -22.87 1.00
CA LEU D 90 8.87 -24.33 1.10
C LEU D 90 10.14 -24.92 0.56
N CYS D 91 10.66 -25.91 1.26
CA CYS D 91 11.82 -26.63 0.81
C CYS D 91 11.40 -28.02 0.39
N ALA D 92 12.00 -28.53 -0.68
CA ALA D 92 11.76 -29.90 -1.10
C ALA D 92 13.11 -30.50 -1.43
N SER D 93 13.22 -31.81 -1.29
CA SER D 93 14.41 -32.51 -1.74
C SER D 93 14.02 -33.77 -2.50
N ARG D 94 14.94 -34.29 -3.31
CA ARG D 94 14.74 -35.50 -4.10
C ARG D 94 16.03 -36.31 -4.18
N TYR D 95 15.90 -37.63 -4.17
CA TYR D 95 17.06 -38.52 -4.07
C TYR D 95 18.03 -38.33 -5.24
N ARG D 96 17.52 -38.46 -6.47
CA ARG D 96 18.37 -38.37 -7.65
C ARG D 96 17.63 -37.62 -8.77
N ASP D 97 18.34 -37.23 -9.82
CA ASP D 97 17.66 -36.71 -11.00
C ASP D 97 17.07 -37.92 -11.68
N ASP D 98 15.90 -38.30 -11.18
CA ASP D 98 15.28 -39.57 -11.53
C ASP D 98 13.76 -39.53 -11.26
N SER D 99 13.00 -39.68 -12.33
CA SER D 99 11.55 -39.57 -12.29
C SER D 99 10.88 -40.53 -11.32
N TYR D 100 11.57 -41.62 -11.01
CA TYR D 100 11.09 -42.61 -10.04
C TYR D 100 11.04 -42.06 -8.61
N ASN D 101 12.02 -41.22 -8.28
CA ASN D 101 12.13 -40.61 -6.97
C ASN D 101 11.26 -39.38 -6.88
N GLU D 102 10.43 -39.29 -5.84
CA GLU D 102 9.52 -38.17 -5.66
C GLU D 102 10.18 -37.06 -4.86
N GLN D 103 9.64 -35.85 -4.98
CA GLN D 103 9.97 -34.75 -4.06
C GLN D 103 9.32 -34.98 -2.69
N PHE D 104 10.14 -34.84 -1.63
CA PHE D 104 9.62 -34.78 -0.26
C PHE D 104 9.70 -33.33 0.22
N PHE D 105 8.60 -32.78 0.71
CA PHE D 105 8.57 -31.38 1.15
C PHE D 105 8.80 -31.25 2.66
N GLY D 106 9.45 -30.16 3.05
CA GLY D 106 9.52 -29.78 4.46
C GLY D 106 8.25 -29.08 4.93
N PRO D 107 8.21 -28.68 6.21
CA PRO D 107 7.01 -28.11 6.76
C PRO D 107 6.92 -26.60 6.48
N GLY D 108 7.97 -26.03 5.90
CA GLY D 108 7.96 -24.64 5.44
C GLY D 108 8.41 -23.66 6.49
N THR D 109 8.79 -22.47 6.04
CA THR D 109 9.12 -21.34 6.90
C THR D 109 8.19 -20.20 6.57
N ARG D 110 7.24 -19.96 7.45
CA ARG D 110 6.23 -18.92 7.26
C ARG D 110 6.72 -17.53 7.69
N LEU D 111 7.15 -16.74 6.71
CA LEU D 111 7.61 -15.33 6.89
C LEU D 111 6.51 -14.25 6.81
N THR D 112 6.40 -13.41 7.83
CA THR D 112 5.59 -12.19 7.72
C THR D 112 6.46 -10.96 7.90
N VAL D 113 6.44 -10.05 6.92
CA VAL D 113 7.14 -8.78 7.01
C VAL D 113 6.14 -7.66 7.20
N LEU D 114 6.38 -6.83 8.20
CA LEU D 114 5.41 -5.83 8.62
C LEU D 114 5.96 -4.42 8.50
N GLU D 115 5.06 -3.43 8.39
CA GLU D 115 5.44 -2.02 8.48
C GLU D 115 5.98 -1.77 9.89
N ASP D 116 5.32 -2.39 10.85
CA ASP D 116 5.50 -2.04 12.24
C ASP D 116 5.11 -3.20 13.12
N LEU D 117 6.05 -3.62 13.96
CA LEU D 117 5.82 -4.73 14.89
C LEU D 117 4.64 -4.52 15.85
N LYS D 118 4.20 -3.27 16.08
CA LYS D 118 3.04 -3.04 16.94
C LYS D 118 1.72 -3.55 16.34
N ASN D 119 1.74 -3.98 15.08
CA ASN D 119 0.55 -4.55 14.50
C ASN D 119 0.37 -6.03 14.86
N VAL D 120 1.35 -6.60 15.58
CA VAL D 120 1.29 -8.00 15.96
C VAL D 120 0.57 -8.12 17.29
N PHE D 121 -0.56 -8.84 17.32
CA PHE D 121 -1.29 -9.12 18.56
C PHE D 121 -1.47 -10.65 18.74
N PRO D 122 -1.43 -11.16 19.98
CA PRO D 122 -1.76 -12.57 20.16
C PRO D 122 -3.26 -12.77 20.20
N PRO D 123 -3.72 -14.04 20.08
CA PRO D 123 -5.15 -14.30 20.27
C PRO D 123 -5.59 -14.21 21.73
N GLU D 124 -6.80 -13.71 21.95
CA GLU D 124 -7.56 -14.01 23.14
C GLU D 124 -8.47 -15.20 22.78
N VAL D 125 -8.72 -16.08 23.73
CA VAL D 125 -9.47 -17.29 23.49
C VAL D 125 -10.57 -17.44 24.55
N ALA D 126 -11.77 -17.75 24.09
CA ALA D 126 -12.92 -18.00 24.95
C ALA D 126 -13.57 -19.29 24.49
N VAL D 127 -14.01 -20.09 25.46
CA VAL D 127 -14.76 -21.29 25.15
C VAL D 127 -16.22 -21.00 25.51
N PHE D 128 -17.14 -21.32 24.60
CA PHE D 128 -18.58 -21.06 24.82
C PHE D 128 -19.32 -22.37 25.07
N GLU D 129 -20.04 -22.42 26.20
CA GLU D 129 -20.70 -23.62 26.69
C GLU D 129 -22.00 -23.89 25.95
N PRO D 130 -22.37 -25.19 25.80
CA PRO D 130 -23.51 -25.59 25.01
C PRO D 130 -24.84 -25.09 25.55
N SER D 131 -25.75 -24.83 24.63
CA SER D 131 -27.13 -24.44 24.91
C SER D 131 -27.91 -25.60 25.50
N GLU D 132 -28.81 -25.30 26.44
CA GLU D 132 -29.73 -26.30 26.99
C GLU D 132 -30.75 -26.73 25.94
N ALA D 133 -31.11 -25.81 25.04
CA ALA D 133 -31.97 -26.09 23.88
C ALA D 133 -31.41 -27.19 22.98
N GLU D 134 -30.10 -27.15 22.72
CA GLU D 134 -29.45 -28.22 21.98
C GLU D 134 -29.51 -29.51 22.75
N ILE D 135 -29.18 -29.47 24.04
CA ILE D 135 -29.09 -30.69 24.84
C ILE D 135 -30.44 -31.40 24.87
N SER D 136 -31.52 -30.66 25.02
CA SER D 136 -32.85 -31.29 25.10
C SER D 136 -33.45 -31.69 23.76
N HIS D 137 -32.89 -31.17 22.66
CA HIS D 137 -33.41 -31.45 21.32
C HIS D 137 -32.70 -32.61 20.61
N THR D 138 -31.39 -32.74 20.85
CA THR D 138 -30.57 -33.70 20.15
C THR D 138 -29.82 -34.66 21.08
N GLN D 139 -29.86 -34.41 22.40
CA GLN D 139 -28.99 -35.08 23.38
C GLN D 139 -27.53 -35.10 22.92
N LYS D 140 -27.12 -34.01 22.27
CA LYS D 140 -25.73 -33.73 21.96
C LYS D 140 -25.42 -32.32 22.48
N ALA D 141 -24.14 -32.04 22.69
CA ALA D 141 -23.71 -30.78 23.29
C ALA D 141 -22.50 -30.23 22.57
N THR D 142 -22.67 -29.09 21.89
CA THR D 142 -21.60 -28.47 21.11
C THR D 142 -20.92 -27.31 21.86
N LEU D 143 -19.64 -27.47 22.17
CA LEU D 143 -18.83 -26.35 22.64
C LEU D 143 -18.25 -25.59 21.45
N VAL D 144 -18.16 -24.28 21.54
CA VAL D 144 -17.47 -23.47 20.55
C VAL D 144 -16.26 -22.79 21.17
N CYS D 145 -15.15 -22.80 20.44
CA CYS D 145 -13.99 -22.00 20.78
C CYS D 145 -13.90 -20.82 19.80
N LEU D 146 -13.65 -19.61 20.33
CA LEU D 146 -13.36 -18.42 19.51
C LEU D 146 -11.98 -17.87 19.84
N ALA D 147 -11.11 -17.84 18.83
CA ALA D 147 -9.82 -17.21 18.90
C ALA D 147 -9.95 -15.85 18.21
N THR D 148 -9.66 -14.78 18.94
CA THR D 148 -9.68 -13.40 18.40
C THR D 148 -8.59 -12.63 19.15
N GLY D 149 -8.19 -11.43 18.74
CA GLY D 149 -8.21 -10.92 17.37
C GLY D 149 -6.72 -10.74 17.11
N PHE D 150 -6.14 -11.71 16.41
CA PHE D 150 -4.70 -11.92 16.40
C PHE D 150 -4.06 -11.49 15.08
N TYR D 151 -2.75 -11.35 15.08
CA TYR D 151 -2.04 -10.93 13.88
C TYR D 151 -0.52 -11.14 14.04
N PRO D 152 0.12 -11.76 13.03
CA PRO D 152 -0.44 -12.26 11.78
C PRO D 152 -1.28 -13.49 12.03
N ASP D 153 -1.70 -14.17 10.98
CA ASP D 153 -2.47 -15.38 11.18
C ASP D 153 -1.67 -16.67 11.03
N HIS D 154 -0.74 -16.91 11.95
CA HIS D 154 -0.27 -18.28 12.15
CA HIS D 154 -0.17 -18.23 12.16
C HIS D 154 -0.54 -18.73 13.57
N VAL D 155 -1.70 -19.36 13.68
CA VAL D 155 -2.24 -19.94 14.91
C VAL D 155 -2.61 -21.41 14.65
N GLU D 156 -2.56 -22.23 15.69
CA GLU D 156 -2.92 -23.64 15.61
C GLU D 156 -3.84 -23.96 16.79
N LEU D 157 -5.11 -24.20 16.48
CA LEU D 157 -6.15 -24.47 17.46
C LEU D 157 -6.30 -25.97 17.69
N SER D 158 -6.48 -26.36 18.95
CA SER D 158 -6.61 -27.77 19.31
C SER D 158 -7.48 -27.90 20.54
N TRP D 159 -8.32 -28.94 20.56
CA TRP D 159 -9.19 -29.24 21.69
C TRP D 159 -8.58 -30.36 22.51
N TRP D 160 -8.56 -30.19 23.83
CA TRP D 160 -8.06 -31.25 24.70
C TRP D 160 -9.19 -31.64 25.65
N VAL D 161 -9.56 -32.92 25.63
CA VAL D 161 -10.56 -33.42 26.56
C VAL D 161 -9.90 -34.36 27.56
N ASN D 162 -10.05 -34.07 28.85
CA ASN D 162 -9.43 -34.85 29.91
C ASN D 162 -7.94 -35.15 29.66
N GLY D 163 -7.22 -34.16 29.12
CA GLY D 163 -5.76 -34.23 28.97
C GLY D 163 -5.21 -35.02 27.78
N LYS D 164 -5.92 -35.00 26.66
CA LYS D 164 -5.45 -35.62 25.43
C LYS D 164 -6.05 -34.85 24.29
N GLU D 165 -5.25 -34.50 23.29
CA GLU D 165 -5.81 -33.79 22.16
C GLU D 165 -6.83 -34.71 21.50
N VAL D 166 -7.98 -34.16 21.12
CA VAL D 166 -8.98 -34.95 20.43
C VAL D 166 -9.15 -34.46 18.98
N HIS D 167 -9.61 -35.38 18.13
CA HIS D 167 -9.97 -35.08 16.75
C HIS D 167 -11.41 -35.45 16.42
N SER D 168 -11.91 -36.55 16.95
CA SER D 168 -13.34 -36.89 16.86
C SER D 168 -14.16 -35.73 17.41
N GLY D 169 -15.28 -35.42 16.77
CA GLY D 169 -16.20 -34.41 17.26
C GLY D 169 -15.77 -32.98 17.07
N VAL D 170 -14.69 -32.76 16.31
CA VAL D 170 -14.08 -31.46 16.16
C VAL D 170 -14.11 -30.91 14.73
N CYS D 171 -14.31 -29.60 14.66
CA CYS D 171 -14.37 -28.81 13.43
C CYS D 171 -13.70 -27.46 13.65
N THR D 172 -12.82 -27.07 12.75
CA THR D 172 -12.18 -25.77 12.81
C THR D 172 -12.25 -25.10 11.44
N ASP D 173 -12.48 -23.79 11.42
CA ASP D 173 -12.65 -23.05 10.16
C ASP D 173 -11.39 -23.22 9.32
N PRO D 174 -11.55 -23.56 8.02
CA PRO D 174 -10.37 -23.74 7.17
C PRO D 174 -9.43 -22.52 7.27
N GLN D 175 -9.98 -21.32 7.03
CA GLN D 175 -9.27 -20.04 7.22
C GLN D 175 -9.89 -19.18 8.33
N PRO D 176 -9.08 -18.28 8.92
CA PRO D 176 -9.65 -17.28 9.84
C PRO D 176 -10.48 -16.31 9.05
N LEU D 177 -11.15 -15.37 9.73
CA LEU D 177 -11.83 -14.30 9.02
C LEU D 177 -11.35 -12.97 9.55
N LYS D 178 -11.41 -11.94 8.70
CA LYS D 178 -10.92 -10.61 9.04
C LYS D 178 -11.92 -9.87 9.93
N GLU D 179 -11.41 -9.30 11.02
CA GLU D 179 -12.24 -8.55 11.97
C GLU D 179 -12.63 -7.15 11.43
N GLN D 180 -11.76 -6.53 10.64
CA GLN D 180 -12.08 -5.25 10.01
C GLN D 180 -11.46 -5.26 8.60
N PRO D 181 -12.19 -5.85 7.63
CA PRO D 181 -11.66 -6.40 6.37
C PRO D 181 -11.38 -5.66 5.02
N ALA D 182 -11.58 -4.36 4.74
CA ALA D 182 -11.67 -3.18 5.62
C ALA D 182 -10.28 -2.53 5.79
N LEU D 183 -9.31 -3.30 6.32
CA LEU D 183 -7.96 -2.79 6.66
C LEU D 183 -6.80 -3.66 6.11
N ASN D 184 -5.65 -2.98 5.91
CA ASN D 184 -4.35 -3.66 5.71
C ASN D 184 -4.04 -4.60 6.88
N ASP D 185 -3.85 -4.01 8.06
CA ASP D 185 -3.43 -4.73 9.26
C ASP D 185 -4.59 -5.45 9.97
N SER D 186 -5.56 -5.93 9.19
CA SER D 186 -6.77 -6.52 9.78
C SER D 186 -6.38 -7.66 10.65
N ARG D 187 -6.81 -7.61 11.91
CA ARG D 187 -6.61 -8.70 12.84
C ARG D 187 -7.66 -9.77 12.55
N TYR D 188 -7.32 -11.03 12.83
CA TYR D 188 -8.09 -12.19 12.39
C TYR D 188 -8.85 -12.90 13.51
N ALA D 189 -9.91 -13.63 13.18
CA ALA D 189 -10.60 -14.48 14.16
C ALA D 189 -10.86 -15.90 13.64
N LEU D 190 -10.77 -16.89 14.52
CA LEU D 190 -10.97 -18.29 14.12
C LEU D 190 -11.87 -18.99 15.12
N SER D 191 -12.83 -19.76 14.62
CA SER D 191 -13.70 -20.53 15.50
C SER D 191 -13.56 -22.03 15.26
N SER D 192 -13.84 -22.79 16.31
CA SER D 192 -13.81 -24.24 16.26
C SER D 192 -14.92 -24.82 17.15
N ARG D 193 -15.44 -25.99 16.77
CA ARG D 193 -16.56 -26.65 17.45
C ARG D 193 -16.05 -27.97 17.96
N LEU D 194 -16.49 -28.37 19.15
CA LEU D 194 -16.32 -29.73 19.68
C LEU D 194 -17.70 -30.15 20.05
N ARG D 195 -18.12 -31.32 19.56
CA ARG D 195 -19.42 -31.88 19.92
C ARG D 195 -19.29 -33.19 20.70
N VAL D 196 -20.02 -33.28 21.81
CA VAL D 196 -20.02 -34.48 22.64
C VAL D 196 -21.44 -34.89 22.92
N SER D 197 -21.62 -35.98 23.66
CA SER D 197 -22.96 -36.41 24.01
C SER D 197 -23.44 -35.52 25.14
N ALA D 198 -24.75 -35.38 25.27
CA ALA D 198 -25.27 -34.53 26.34
C ALA D 198 -24.78 -35.04 27.69
N THR D 199 -24.94 -36.33 27.94
CA THR D 199 -24.49 -36.94 29.18
C THR D 199 -22.99 -36.75 29.42
N PHE D 200 -22.15 -36.85 28.39
CA PHE D 200 -20.71 -36.57 28.58
C PHE D 200 -20.43 -35.14 29.03
N TRP D 201 -21.19 -34.18 28.54
CA TRP D 201 -21.02 -32.77 28.96
C TRP D 201 -21.61 -32.51 30.34
N GLN D 202 -22.58 -33.31 30.74
CA GLN D 202 -23.28 -33.10 32.01
C GLN D 202 -22.61 -33.79 33.18
N ASN D 203 -21.38 -34.20 32.98
CA ASN D 203 -20.58 -34.79 34.03
C ASN D 203 -19.47 -33.81 34.40
N PRO D 204 -19.54 -33.24 35.61
CA PRO D 204 -18.60 -32.19 36.02
C PRO D 204 -17.17 -32.64 36.20
N ARG D 205 -16.91 -33.94 36.07
CA ARG D 205 -15.55 -34.48 36.16
C ARG D 205 -14.82 -34.41 34.83
N ASN D 206 -15.52 -34.02 33.76
CA ASN D 206 -14.90 -33.84 32.47
C ASN D 206 -14.43 -32.40 32.29
N HIS D 207 -13.29 -32.26 31.60
CA HIS D 207 -12.59 -30.99 31.44
C HIS D 207 -12.31 -30.73 29.98
N PHE D 208 -12.64 -29.53 29.54
CA PHE D 208 -12.53 -29.15 28.13
C PHE D 208 -11.63 -27.94 27.99
N ARG D 209 -10.57 -28.07 27.20
CA ARG D 209 -9.64 -26.99 27.02
C ARG D 209 -9.55 -26.66 25.53
N CYS D 210 -9.53 -25.38 25.21
CA CYS D 210 -9.23 -24.92 23.88
C CYS D 210 -7.84 -24.27 23.87
N GLN D 211 -6.94 -24.79 23.04
CA GLN D 211 -5.55 -24.35 23.00
C GLN D 211 -5.22 -23.70 21.65
N VAL D 212 -4.71 -22.48 21.67
CA VAL D 212 -4.25 -21.83 20.43
C VAL D 212 -2.77 -21.46 20.48
N GLN D 213 -1.99 -22.12 19.63
CA GLN D 213 -0.57 -21.80 19.52
C GLN D 213 -0.49 -20.62 18.56
N PHE D 214 0.24 -19.60 18.97
CA PHE D 214 0.41 -18.40 18.19
C PHE D 214 1.89 -18.23 17.95
N TYR D 215 2.25 -17.89 16.72
CA TYR D 215 3.64 -17.74 16.33
C TYR D 215 3.91 -16.26 16.11
N GLY D 216 4.53 -15.63 17.11
CA GLY D 216 4.69 -14.17 17.13
C GLY D 216 6.14 -13.73 17.09
N LEU D 217 6.45 -12.69 17.85
CA LEU D 217 7.79 -12.15 17.92
C LEU D 217 8.68 -13.07 18.74
N SER D 218 9.99 -12.87 18.62
CA SER D 218 10.99 -13.56 19.44
C SER D 218 11.31 -12.73 20.68
N GLU D 219 11.76 -13.39 21.74
CA GLU D 219 12.22 -12.69 22.96
C GLU D 219 13.19 -11.58 22.60
N ASN D 220 13.93 -11.81 21.52
CA ASN D 220 15.04 -10.96 21.10
C ASN D 220 14.62 -9.75 20.24
N ASP D 221 13.32 -9.60 19.96
CA ASP D 221 12.85 -8.50 19.11
C ASP D 221 12.65 -7.20 19.90
N GLU D 222 13.09 -6.10 19.32
CA GLU D 222 12.92 -4.78 19.92
C GLU D 222 11.43 -4.52 20.10
N TRP D 223 11.02 -4.29 21.35
CA TRP D 223 9.61 -4.09 21.69
C TRP D 223 9.37 -2.85 22.54
N THR D 224 8.30 -2.14 22.21
CA THR D 224 8.14 -0.75 22.61
C THR D 224 6.88 -0.48 23.46
N GLN D 225 5.76 -1.07 23.08
CA GLN D 225 4.46 -0.72 23.67
C GLN D 225 4.28 -1.20 25.13
N ASP D 226 3.16 -0.78 25.72
CA ASP D 226 2.83 -1.10 27.11
C ASP D 226 2.52 -2.57 27.23
N ARG D 227 1.60 -3.03 26.39
CA ARG D 227 1.06 -4.39 26.49
C ARG D 227 2.13 -5.45 26.29
N ALA D 228 1.88 -6.65 26.80
CA ALA D 228 2.86 -7.72 26.78
C ALA D 228 3.41 -7.94 25.38
N LYS D 229 4.73 -8.01 25.25
CA LYS D 229 5.35 -8.36 23.98
C LYS D 229 4.65 -9.60 23.45
N PRO D 230 4.08 -9.51 22.23
CA PRO D 230 3.25 -10.58 21.66
C PRO D 230 4.09 -11.75 21.11
N VAL D 231 4.89 -12.35 21.99
CA VAL D 231 5.80 -13.43 21.61
C VAL D 231 5.05 -14.69 21.19
N THR D 232 5.78 -15.67 20.67
CA THR D 232 5.24 -17.01 20.38
C THR D 232 4.77 -17.65 21.67
N GLN D 233 3.51 -18.05 21.72
CA GLN D 233 2.91 -18.51 22.96
C GLN D 233 1.71 -19.40 22.69
N ILE D 234 1.17 -19.98 23.74
CA ILE D 234 -0.08 -20.71 23.67
C ILE D 234 -1.10 -20.04 24.60
N VAL D 235 -2.25 -19.65 24.05
CA VAL D 235 -3.34 -19.07 24.82
C VAL D 235 -4.44 -20.11 24.96
N SER D 236 -5.05 -20.20 26.14
CA SER D 236 -6.01 -21.26 26.47
C SER D 236 -7.29 -20.80 27.15
N ALA D 237 -8.38 -21.53 26.91
CA ALA D 237 -9.64 -21.33 27.65
C ALA D 237 -10.26 -22.69 28.02
N GLU D 238 -10.73 -22.77 29.25
CA GLU D 238 -11.10 -24.06 29.84
C GLU D 238 -12.58 -24.05 30.22
N ALA D 239 -13.14 -25.23 30.36
CA ALA D 239 -14.52 -25.36 30.73
C ALA D 239 -14.71 -26.75 31.28
N TRP D 240 -15.41 -26.85 32.40
CA TRP D 240 -15.79 -28.14 32.97
C TRP D 240 -17.25 -28.42 32.60
N GLY D 241 -17.64 -29.68 32.66
CA GLY D 241 -19.01 -30.06 32.45
C GLY D 241 -19.91 -29.49 33.53
N ARG D 242 -21.15 -29.18 33.15
CA ARG D 242 -22.14 -28.63 34.08
C ARG D 242 -23.07 -29.73 34.53
N ALA D 243 -22.99 -30.06 35.82
CA ALA D 243 -23.90 -31.02 36.46
C ALA D 243 -25.37 -30.83 36.06
N ASP D 244 -25.77 -29.58 35.77
CA ASP D 244 -27.15 -29.22 35.42
C ASP D 244 -27.91 -30.39 34.77
#